data_4EHZ
#
_entry.id   4EHZ
#
_cell.length_a   42.712
_cell.length_b   172.175
_cell.length_c   88.035
_cell.angle_alpha   90.00
_cell.angle_beta   92.28
_cell.angle_gamma   90.00
#
_symmetry.space_group_name_H-M   'P 1 21 1'
#
loop_
_entity.id
_entity.type
_entity.pdbx_description
1 polymer 'Tyrosine-protein kinase JAK1'
2 non-polymer 2-methyl-1-(piperidin-4-yl)-1,6-dihydroimidazo[4,5-d]pyrrolo[2,3-b]pyridine
3 non-polymer 1,2-ETHANEDIOL
4 water water
#
_entity_poly.entity_id   1
_entity_poly.type   'polypeptide(L)'
_entity_poly.pdbx_seq_one_letter_code
;GDIVSEKKPATEVDPTHFEKRFLKRIRDLGEGHFGKVELCRYDPEGDNTGEQVAVKSLKPESGGNHIADLKKEIEILRNL
YHENIVKYKGICTEDGGNGIKLIMEFLPSGSLKEYLPKNKNKINLKQQLKYAVQICKGMDYLGSRQYVHRDLAARNVLVE
SEHQVKIGDFGLTKAIETDKE(PTR)(PTR)TVKDDRDSPVFWYAPECLMQSKFYIASDVWSFGVTLHELLTYCDSDSSP
MALFLKMIGPTHGQMTVTRLVNTLKEGKRLPCPPNCPDEVYQLMRKCWEFQPSNRTSFQNLIEGFEALLK
;
_entity_poly.pdbx_strand_id   A,B,C,D
#
loop_
_chem_comp.id
_chem_comp.type
_chem_comp.name
_chem_comp.formula
EDO non-polymer 1,2-ETHANEDIOL 'C2 H6 O2'
JAK non-polymer 2-methyl-1-(piperidin-4-yl)-1,6-dihydroimidazo[4,5-d]pyrrolo[2,3-b]pyridine 'C14 H17 N5'
#
# COMPACT_ATOMS: atom_id res chain seq x y z
N GLU A 6 6.70 55.36 -16.86
CA GLU A 6 8.10 55.15 -17.20
C GLU A 6 8.27 54.93 -18.70
N LYS A 7 9.09 55.77 -19.33
CA LYS A 7 9.49 55.56 -20.71
C LYS A 7 10.30 54.26 -20.79
N LYS A 8 9.63 53.17 -21.18
CA LYS A 8 10.24 51.84 -21.22
C LYS A 8 10.97 51.58 -22.54
N PRO A 9 12.21 51.07 -22.47
CA PRO A 9 13.03 50.76 -23.65
C PRO A 9 12.49 49.57 -24.46
N ALA A 10 13.13 49.31 -25.60
CA ALA A 10 12.66 48.30 -26.54
C ALA A 10 12.69 46.87 -25.99
N THR A 11 11.60 46.15 -26.19
CA THR A 11 11.45 44.78 -25.71
C THR A 11 12.18 43.80 -26.63
N GLU A 12 13.48 43.66 -26.42
CA GLU A 12 14.31 42.79 -27.25
C GLU A 12 13.99 41.31 -27.01
N VAL A 13 14.13 40.51 -28.06
CA VAL A 13 13.87 39.07 -27.96
C VAL A 13 15.13 38.28 -27.62
N ASP A 14 15.05 37.55 -26.52
CA ASP A 14 16.07 36.60 -26.12
C ASP A 14 15.58 35.22 -26.55
N PRO A 15 16.28 34.60 -27.51
CA PRO A 15 15.92 33.30 -28.09
C PRO A 15 16.05 32.18 -27.07
N THR A 16 16.68 32.45 -25.94
CA THR A 16 16.82 31.43 -24.90
C THR A 16 15.80 31.58 -23.77
N HIS A 17 14.91 32.57 -23.89
CA HIS A 17 13.84 32.73 -22.91
C HIS A 17 12.55 32.09 -23.39
N PHE A 18 12.14 31.01 -22.73
CA PHE A 18 10.91 30.32 -23.11
C PHE A 18 9.78 30.68 -22.15
N GLU A 19 8.74 31.31 -22.68
CA GLU A 19 7.57 31.68 -21.89
C GLU A 19 6.76 30.47 -21.49
N LYS A 20 6.39 30.42 -20.22
CA LYS A 20 5.64 29.31 -19.67
C LYS A 20 4.32 29.08 -20.41
N ARG A 21 3.60 30.16 -20.70
CA ARG A 21 2.28 30.08 -21.33
C ARG A 21 2.26 29.41 -22.69
N PHE A 22 3.40 29.36 -23.36
CA PHE A 22 3.48 28.70 -24.67
C PHE A 22 4.13 27.32 -24.64
N LEU A 23 4.65 26.92 -23.48
CA LEU A 23 5.28 25.60 -23.34
C LEU A 23 4.23 24.51 -23.07
N LYS A 24 3.78 23.82 -24.11
CA LYS A 24 2.70 22.85 -23.96
C LYS A 24 3.16 21.39 -23.82
N ARG A 25 2.77 20.78 -22.70
CA ARG A 25 3.12 19.38 -22.40
C ARG A 25 2.57 18.38 -23.44
N ILE A 26 3.41 17.44 -23.85
CA ILE A 26 2.97 16.35 -24.72
C ILE A 26 3.02 15.03 -23.95
N ARG A 27 4.20 14.62 -23.52
CA ARG A 27 4.31 13.43 -22.70
C ARG A 27 5.56 13.43 -21.83
N ASP A 28 5.66 12.46 -20.91
CA ASP A 28 6.85 12.29 -20.09
C ASP A 28 7.96 11.61 -20.87
N LEU A 29 9.20 12.07 -20.70
CA LEU A 29 10.34 11.43 -21.36
C LEU A 29 11.18 10.63 -20.37
N GLY A 30 11.16 11.04 -19.12
CA GLY A 30 11.96 10.36 -18.13
C GLY A 30 11.86 11.09 -16.80
N GLU A 31 12.31 10.42 -15.75
CA GLU A 31 12.05 10.93 -14.43
C GLU A 31 13.08 10.36 -13.46
N GLY A 32 13.61 11.23 -12.59
CA GLY A 32 14.40 10.80 -11.45
C GLY A 32 13.50 10.72 -10.23
N HIS A 33 13.93 11.32 -9.14
CA HIS A 33 13.08 11.41 -7.96
C HIS A 33 12.74 12.86 -7.68
N PHE A 34 13.67 13.74 -8.01
CA PHE A 34 13.49 15.17 -7.79
C PHE A 34 13.21 15.89 -9.12
N GLY A 35 13.58 15.25 -10.23
CA GLY A 35 13.43 15.87 -11.53
C GLY A 35 12.66 15.03 -12.55
N LYS A 36 12.03 15.69 -13.50
CA LYS A 36 11.41 14.98 -14.61
C LYS A 36 11.68 15.74 -15.92
N VAL A 37 11.77 15.00 -17.01
CA VAL A 37 11.89 15.61 -18.32
C VAL A 37 10.61 15.29 -19.09
N GLU A 38 10.11 16.24 -19.84
CA GLU A 38 8.90 16.05 -20.63
C GLU A 38 9.14 16.56 -22.03
N LEU A 39 8.43 15.95 -22.98
CA LEU A 39 8.44 16.45 -24.33
C LEU A 39 7.38 17.53 -24.36
N CYS A 40 7.75 18.71 -24.83
CA CYS A 40 6.78 19.78 -25.01
C CYS A 40 6.89 20.36 -26.40
N ARG A 41 5.87 21.12 -26.78
CA ARG A 41 5.96 21.92 -27.99
C ARG A 41 5.93 23.37 -27.54
N TYR A 42 6.92 24.15 -27.95
CA TYR A 42 6.90 25.57 -27.68
C TYR A 42 6.09 26.14 -28.83
N ASP A 43 4.85 26.53 -28.53
CA ASP A 43 3.88 26.77 -29.60
C ASP A 43 3.18 28.12 -29.43
N PRO A 44 3.94 29.23 -29.56
CA PRO A 44 3.38 30.58 -29.37
C PRO A 44 2.30 30.95 -30.40
N GLU A 45 2.28 30.30 -31.56
CA GLU A 45 1.29 30.63 -32.56
C GLU A 45 0.00 29.86 -32.28
N GLY A 46 0.09 28.92 -31.35
CA GLY A 46 -1.08 28.23 -30.85
C GLY A 46 -1.69 27.24 -31.84
N ASP A 47 -0.93 26.85 -32.86
CA ASP A 47 -1.48 25.95 -33.87
C ASP A 47 -0.78 24.59 -34.00
N ASN A 48 0.08 24.26 -33.04
CA ASN A 48 0.69 22.94 -33.03
C ASN A 48 1.69 22.78 -34.17
N THR A 49 2.40 23.86 -34.48
CA THR A 49 3.48 23.81 -35.47
C THR A 49 4.80 24.22 -34.81
N GLY A 50 4.73 24.64 -33.57
CA GLY A 50 5.93 25.02 -32.85
C GLY A 50 6.92 23.89 -32.66
N GLU A 51 8.15 24.29 -32.31
CA GLU A 51 9.28 23.40 -32.09
C GLU A 51 9.10 22.46 -30.89
N GLN A 52 9.44 21.19 -31.08
CA GLN A 52 9.46 20.24 -29.99
C GLN A 52 10.74 20.39 -29.18
N VAL A 53 10.62 20.44 -27.87
CA VAL A 53 11.77 20.58 -27.00
C VAL A 53 11.63 19.66 -25.80
N ALA A 54 12.73 19.34 -25.14
CA ALA A 54 12.72 18.53 -23.93
C ALA A 54 12.90 19.44 -22.73
N VAL A 55 11.96 19.33 -21.79
CA VAL A 55 11.90 20.26 -20.67
C VAL A 55 12.10 19.54 -19.34
N LYS A 56 13.14 19.92 -18.62
CA LYS A 56 13.43 19.38 -17.31
C LYS A 56 13.01 20.38 -16.23
N SER A 57 12.23 19.90 -15.27
CA SER A 57 11.84 20.71 -14.12
C SER A 57 11.89 19.90 -12.83
N LEU A 58 11.67 20.56 -11.69
CA LEU A 58 11.62 19.87 -10.42
C LEU A 58 10.22 19.31 -10.15
N LYS A 59 10.16 18.17 -9.48
CA LYS A 59 8.92 17.67 -8.92
C LYS A 59 8.62 18.35 -7.59
N PRO A 60 7.36 18.77 -7.38
CA PRO A 60 6.94 19.39 -6.13
C PRO A 60 6.87 18.38 -4.99
N HIS A 66 15.93 21.65 -4.16
CA HIS A 66 16.84 21.25 -5.24
C HIS A 66 16.88 22.27 -6.40
N ILE A 67 16.29 23.44 -6.19
CA ILE A 67 16.32 24.48 -7.21
C ILE A 67 17.77 24.82 -7.55
N ALA A 68 18.62 24.91 -6.53
CA ALA A 68 19.99 25.33 -6.77
C ALA A 68 20.76 24.31 -7.60
N ASP A 69 20.40 23.04 -7.45
CA ASP A 69 20.99 21.96 -8.24
C ASP A 69 20.64 22.08 -9.72
N LEU A 70 19.34 22.19 -10.01
CA LEU A 70 18.90 22.34 -11.39
C LEU A 70 19.59 23.56 -11.98
N LYS A 71 19.67 24.63 -11.20
CA LYS A 71 20.33 25.87 -11.65
C LYS A 71 21.78 25.62 -12.04
N LYS A 72 22.49 24.79 -11.27
CA LYS A 72 23.87 24.52 -11.62
C LYS A 72 23.98 23.59 -12.83
N GLU A 73 23.03 22.66 -12.96
CA GLU A 73 22.99 21.81 -14.14
C GLU A 73 22.82 22.64 -15.40
N ILE A 74 21.90 23.62 -15.32
CA ILE A 74 21.69 24.55 -16.42
C ILE A 74 22.97 25.31 -16.79
N GLU A 75 23.69 25.83 -15.79
CA GLU A 75 24.90 26.60 -16.06
C GLU A 75 26.00 25.71 -16.61
N ILE A 76 25.97 24.43 -16.25
CA ILE A 76 26.97 23.52 -16.78
C ILE A 76 26.67 23.20 -18.24
N LEU A 77 25.43 22.85 -18.53
CA LEU A 77 25.06 22.47 -19.91
C LEU A 77 25.18 23.65 -20.88
N ARG A 78 24.68 24.81 -20.45
CA ARG A 78 24.74 26.06 -21.20
C ARG A 78 26.15 26.31 -21.71
N ASN A 79 27.15 25.89 -20.94
CA ASN A 79 28.54 26.17 -21.29
C ASN A 79 29.32 25.00 -21.88
N LEU A 80 28.63 23.91 -22.18
CA LEU A 80 29.25 22.77 -22.84
C LEU A 80 28.98 22.87 -24.33
N TYR A 81 30.01 22.74 -25.15
CA TYR A 81 29.84 22.81 -26.60
C TYR A 81 30.54 21.66 -27.30
N HIS A 82 29.81 20.62 -27.64
CA HIS A 82 30.41 19.43 -28.26
C HIS A 82 29.33 18.66 -29.00
N GLU A 83 29.67 18.11 -30.15
CA GLU A 83 28.69 17.42 -30.99
C GLU A 83 28.06 16.17 -30.35
N ASN A 84 28.74 15.61 -29.35
CA ASN A 84 28.23 14.43 -28.63
C ASN A 84 27.69 14.78 -27.23
N ILE A 85 27.27 16.03 -27.09
CA ILE A 85 26.63 16.54 -25.87
C ILE A 85 25.36 17.28 -26.23
N VAL A 86 24.24 16.90 -25.61
CA VAL A 86 22.94 17.46 -25.98
C VAL A 86 22.95 19.00 -25.87
N LYS A 87 22.22 19.67 -26.76
CA LYS A 87 22.30 21.13 -26.81
C LYS A 87 21.35 21.81 -25.84
N TYR A 88 21.89 22.69 -25.02
CA TYR A 88 21.04 23.61 -24.26
C TYR A 88 20.27 24.47 -25.27
N LYS A 89 19.01 24.75 -25.01
CA LYS A 89 18.26 25.72 -25.82
C LYS A 89 17.87 26.97 -25.01
N GLY A 90 17.59 26.80 -23.73
CA GLY A 90 17.24 27.93 -22.90
C GLY A 90 16.62 27.53 -21.58
N ILE A 91 15.98 28.52 -20.93
CA ILE A 91 15.23 28.30 -19.70
C ILE A 91 13.81 28.84 -19.77
N CYS A 92 12.95 28.35 -18.88
CA CYS A 92 11.66 28.95 -18.62
C CYS A 92 11.62 29.45 -17.16
N THR A 93 11.38 30.75 -16.99
CA THR A 93 11.26 31.37 -15.67
C THR A 93 9.94 32.13 -15.56
N GLU A 94 9.43 32.25 -14.34
CA GLU A 94 8.18 32.98 -14.09
C GLU A 94 8.44 34.33 -13.40
N ASP A 95 7.68 35.35 -13.78
CA ASP A 95 7.71 36.65 -13.13
C ASP A 95 7.83 36.56 -11.59
N GLY A 96 7.16 35.59 -10.98
CA GLY A 96 7.28 35.39 -9.54
C GLY A 96 8.73 35.14 -9.20
N GLY A 97 9.31 34.14 -9.86
CA GLY A 97 10.73 33.88 -9.71
C GLY A 97 10.96 32.58 -8.98
N ASN A 98 12.17 32.44 -8.44
CA ASN A 98 12.57 31.20 -7.81
C ASN A 98 12.57 30.00 -8.76
N GLY A 99 11.39 29.60 -9.25
CA GLY A 99 11.27 28.42 -10.11
C GLY A 99 11.95 28.53 -11.48
N ILE A 100 12.37 27.39 -12.04
CA ILE A 100 13.06 27.38 -13.33
C ILE A 100 12.99 26.03 -14.02
N LYS A 101 12.81 26.02 -15.34
CA LYS A 101 12.88 24.79 -16.10
C LYS A 101 14.02 24.92 -17.12
N LEU A 102 14.72 23.82 -17.37
CA LEU A 102 15.78 23.75 -18.38
C LEU A 102 15.17 23.28 -19.70
N ILE A 103 15.50 23.96 -20.79
CA ILE A 103 15.02 23.59 -22.11
C ILE A 103 16.17 23.02 -22.94
N MET A 104 16.01 21.79 -23.43
CA MET A 104 17.01 21.10 -24.24
C MET A 104 16.43 20.77 -25.60
N GLU A 105 17.29 20.54 -26.59
CA GLU A 105 16.79 20.01 -27.84
C GLU A 105 16.16 18.65 -27.55
N PHE A 106 15.13 18.32 -28.32
CA PHE A 106 14.49 17.01 -28.24
C PHE A 106 15.04 16.14 -29.36
N LEU A 107 15.45 14.91 -29.02
CA LEU A 107 15.93 13.96 -30.03
C LEU A 107 14.89 12.83 -30.17
N PRO A 108 14.12 12.87 -31.25
CA PRO A 108 12.99 11.97 -31.51
C PRO A 108 13.32 10.48 -31.37
N SER A 109 14.54 10.07 -31.68
CA SER A 109 14.88 8.65 -31.51
C SER A 109 15.05 8.21 -30.04
N GLY A 110 15.08 9.16 -29.10
CA GLY A 110 15.23 8.83 -27.68
C GLY A 110 16.61 8.37 -27.21
N SER A 111 16.68 7.72 -26.05
CA SER A 111 17.95 7.18 -25.56
C SER A 111 18.28 5.83 -26.20
N LEU A 112 19.47 5.30 -25.95
CA LEU A 112 19.83 3.98 -26.45
C LEU A 112 18.84 2.93 -25.97
N LYS A 113 18.16 3.23 -24.88
CA LYS A 113 17.20 2.31 -24.28
C LYS A 113 15.94 2.15 -25.15
N GLU A 114 15.52 3.22 -25.79
CA GLU A 114 14.38 3.16 -26.71
C GLU A 114 14.83 2.70 -28.10
N TYR A 115 15.94 3.26 -28.56
CA TYR A 115 16.36 3.10 -29.93
C TYR A 115 16.94 1.72 -30.22
N LEU A 116 17.78 1.21 -29.32
CA LEU A 116 18.50 -0.02 -29.60
C LEU A 116 17.61 -1.27 -29.74
N PRO A 117 16.59 -1.40 -28.88
CA PRO A 117 15.78 -2.63 -29.05
C PRO A 117 14.94 -2.61 -30.33
N LYS A 118 14.75 -1.41 -30.89
CA LYS A 118 13.90 -1.25 -32.06
C LYS A 118 14.68 -1.35 -33.36
N ASN A 119 16.00 -1.28 -33.25
CA ASN A 119 16.82 -1.14 -34.44
C ASN A 119 17.99 -2.12 -34.51
N LYS A 120 17.87 -3.22 -33.78
CA LYS A 120 18.87 -4.30 -33.82
C LYS A 120 19.31 -4.59 -35.26
N ASN A 121 18.35 -4.72 -36.16
CA ASN A 121 18.64 -5.07 -37.54
C ASN A 121 19.50 -4.04 -38.26
N LYS A 122 19.31 -2.76 -37.95
CA LYS A 122 20.09 -1.69 -38.59
C LYS A 122 21.47 -1.51 -37.97
N ILE A 123 21.57 -1.71 -36.65
CA ILE A 123 22.78 -1.34 -35.91
C ILE A 123 23.70 -2.53 -35.65
N ASN A 124 24.78 -2.63 -36.43
CA ASN A 124 25.78 -3.68 -36.23
C ASN A 124 27.00 -3.22 -35.43
N LEU A 125 27.99 -4.10 -35.33
CA LEU A 125 29.13 -3.88 -34.45
C LEU A 125 29.96 -2.63 -34.76
N LYS A 126 30.25 -2.38 -36.05
CA LYS A 126 30.97 -1.16 -36.39
C LYS A 126 30.25 0.08 -35.88
N GLN A 127 28.92 0.13 -36.08
CA GLN A 127 28.14 1.29 -35.68
C GLN A 127 28.13 1.45 -34.15
N GLN A 128 28.04 0.33 -33.43
CA GLN A 128 28.15 0.34 -31.97
C GLN A 128 29.49 0.93 -31.54
N LEU A 129 30.55 0.57 -32.26
CA LEU A 129 31.89 0.99 -31.85
C LEU A 129 32.05 2.48 -32.11
N LYS A 130 31.41 2.97 -33.17
CA LYS A 130 31.38 4.41 -33.42
C LYS A 130 30.60 5.16 -32.34
N TYR A 131 29.51 4.56 -31.84
CA TYR A 131 28.78 5.16 -30.73
C TYR A 131 29.72 5.23 -29.55
N ALA A 132 30.48 4.16 -29.33
CA ALA A 132 31.37 4.05 -28.17
C ALA A 132 32.43 5.16 -28.21
N VAL A 133 32.99 5.40 -29.41
CA VAL A 133 33.94 6.49 -29.62
C VAL A 133 33.31 7.86 -29.34
N GLN A 134 32.12 8.09 -29.87
CA GLN A 134 31.45 9.37 -29.64
C GLN A 134 31.14 9.58 -28.15
N ILE A 135 30.67 8.54 -27.47
CA ILE A 135 30.48 8.68 -26.05
C ILE A 135 31.79 9.06 -25.35
N CYS A 136 32.87 8.39 -25.72
CA CYS A 136 34.16 8.68 -25.07
C CYS A 136 34.59 10.11 -25.36
N LYS A 137 34.36 10.61 -26.58
CA LYS A 137 34.75 11.97 -26.90
C LYS A 137 33.96 13.03 -26.11
N GLY A 138 32.65 12.85 -25.99
CA GLY A 138 31.88 13.71 -25.11
C GLY A 138 32.39 13.64 -23.68
N MET A 139 32.63 12.43 -23.18
CA MET A 139 33.10 12.26 -21.81
C MET A 139 34.47 12.89 -21.63
N ASP A 140 35.34 12.71 -22.61
CA ASP A 140 36.67 13.28 -22.51
C ASP A 140 36.59 14.81 -22.50
N TYR A 141 35.77 15.36 -23.39
CA TYR A 141 35.55 16.80 -23.42
C TYR A 141 35.10 17.28 -22.04
N LEU A 142 34.18 16.53 -21.44
CA LEU A 142 33.64 16.87 -20.13
C LEU A 142 34.74 16.77 -19.06
N GLY A 143 35.53 15.70 -19.12
CA GLY A 143 36.63 15.48 -18.19
C GLY A 143 37.62 16.64 -18.21
N SER A 144 37.80 17.21 -19.40
CA SER A 144 38.75 18.29 -19.58
C SER A 144 38.26 19.59 -18.94
N ARG A 145 36.95 19.70 -18.73
CA ARG A 145 36.42 20.88 -18.09
C ARG A 145 36.37 20.63 -16.60
N GLN A 146 37.03 19.56 -16.16
CA GLN A 146 37.12 19.26 -14.74
C GLN A 146 35.75 18.91 -14.15
N TYR A 147 34.97 18.12 -14.91
CA TYR A 147 33.71 17.59 -14.40
C TYR A 147 33.74 16.08 -14.28
N VAL A 148 33.07 15.56 -13.26
CA VAL A 148 32.75 14.13 -13.23
C VAL A 148 31.24 14.01 -13.38
N HIS A 149 30.83 13.09 -14.25
CA HIS A 149 29.43 12.99 -14.67
C HIS A 149 28.56 12.27 -13.64
N ARG A 150 29.03 11.10 -13.24
CA ARG A 150 28.45 10.34 -12.14
C ARG A 150 27.20 9.55 -12.47
N ASP A 151 26.73 9.61 -13.71
CA ASP A 151 25.46 8.94 -14.05
C ASP A 151 25.46 8.43 -15.48
N LEU A 152 26.64 8.01 -15.95
CA LEU A 152 26.75 7.55 -17.33
C LEU A 152 26.11 6.17 -17.43
N ALA A 153 25.16 6.04 -18.35
CA ALA A 153 24.40 4.82 -18.53
C ALA A 153 23.63 4.95 -19.85
N ALA A 154 23.33 3.82 -20.46
CA ALA A 154 22.77 3.86 -21.80
C ALA A 154 21.58 4.79 -21.85
N ARG A 155 20.82 4.85 -20.76
CA ARG A 155 19.58 5.63 -20.76
C ARG A 155 19.87 7.14 -20.79
N ASN A 156 21.12 7.51 -20.59
CA ASN A 156 21.53 8.91 -20.63
C ASN A 156 22.29 9.23 -21.91
N VAL A 157 22.23 8.30 -22.87
CA VAL A 157 22.80 8.52 -24.18
C VAL A 157 21.70 8.61 -25.24
N LEU A 158 21.54 9.81 -25.79
CA LEU A 158 20.50 10.08 -26.78
C LEU A 158 20.96 9.76 -28.19
N VAL A 159 20.02 9.41 -29.05
CA VAL A 159 20.36 9.15 -30.44
C VAL A 159 19.91 10.30 -31.32
N GLU A 160 20.88 10.96 -31.95
CA GLU A 160 20.63 12.09 -32.85
C GLU A 160 20.27 11.58 -34.25
N SER A 161 20.89 10.47 -34.61
CA SER A 161 20.70 9.84 -35.90
C SER A 161 21.41 8.50 -35.79
N GLU A 162 21.10 7.61 -36.72
CA GLU A 162 21.75 6.31 -36.79
C GLU A 162 23.28 6.43 -36.72
N HIS A 163 23.80 7.60 -37.11
CA HIS A 163 25.25 7.79 -37.13
C HIS A 163 25.83 8.58 -35.94
N GLN A 164 24.97 8.99 -35.00
CA GLN A 164 25.41 9.95 -33.98
C GLN A 164 24.63 9.90 -32.66
N VAL A 165 25.37 9.85 -31.55
CA VAL A 165 24.77 9.89 -30.23
C VAL A 165 25.27 11.10 -29.43
N LYS A 166 24.57 11.41 -28.36
CA LYS A 166 24.89 12.55 -27.52
C LYS A 166 24.62 12.21 -26.06
N ILE A 167 25.54 12.58 -25.18
CA ILE A 167 25.27 12.49 -23.76
C ILE A 167 24.14 13.45 -23.39
N GLY A 168 23.10 12.96 -22.73
CA GLY A 168 21.85 13.68 -22.71
C GLY A 168 21.25 14.07 -21.38
N ASP A 169 22.04 13.96 -20.32
CA ASP A 169 21.61 14.44 -19.01
C ASP A 169 22.81 14.68 -18.13
N PHE A 170 22.71 15.65 -17.22
CA PHE A 170 23.83 16.06 -16.41
C PHE A 170 23.44 16.33 -14.95
N GLY A 171 22.34 15.72 -14.51
CA GLY A 171 21.76 16.00 -13.20
C GLY A 171 22.65 15.70 -12.00
N LEU A 172 23.66 14.85 -12.17
CA LEU A 172 24.56 14.51 -11.08
C LEU A 172 25.97 15.05 -11.32
N THR A 173 26.14 15.78 -12.43
CA THR A 173 27.46 16.22 -12.81
C THR A 173 28.02 17.19 -11.76
N LYS A 174 29.26 16.99 -11.34
CA LYS A 174 29.91 17.83 -10.34
C LYS A 174 31.28 18.29 -10.82
N ALA A 175 31.72 19.45 -10.33
CA ALA A 175 33.05 19.92 -10.65
C ALA A 175 34.04 19.29 -9.68
N ILE A 176 35.18 18.85 -10.21
CA ILE A 176 36.29 18.41 -9.37
C ILE A 176 37.08 19.67 -8.99
N GLU A 177 37.36 19.83 -7.71
CA GLU A 177 38.15 20.96 -7.23
C GLU A 177 39.53 20.99 -7.89
N THR A 178 40.07 22.19 -8.10
CA THR A 178 41.41 22.33 -8.62
C THR A 178 42.37 21.65 -7.64
N ASP A 179 43.33 20.89 -8.17
CA ASP A 179 44.33 20.20 -7.35
C ASP A 179 43.82 18.95 -6.64
N LYS A 180 42.50 18.77 -6.60
CA LYS A 180 41.90 17.53 -6.11
C LYS A 180 41.71 16.58 -7.29
N GLU A 181 41.45 15.30 -7.01
CA GLU A 181 41.30 14.35 -8.10
C GLU A 181 39.92 13.71 -8.12
N PTR A 182 39.11 14.05 -7.13
CA PTR A 182 37.84 13.40 -6.98
C PTR A 182 36.87 14.35 -6.31
O PTR A 182 37.29 15.34 -5.70
CB PTR A 182 38.03 12.11 -6.16
CG PTR A 182 38.47 12.36 -4.74
CD1 PTR A 182 39.75 12.05 -4.31
CD2 PTR A 182 37.59 12.91 -3.81
CE1 PTR A 182 40.15 12.28 -3.00
CE2 PTR A 182 37.98 13.16 -2.52
CZ PTR A 182 39.26 12.84 -2.10
OH PTR A 182 39.51 13.09 -0.91
P PTR A 182 40.94 13.00 -0.16
O1P PTR A 182 41.17 11.60 0.26
O2P PTR A 182 40.85 13.90 1.10
O3P PTR A 182 42.10 13.49 -1.05
N PTR A 183 35.57 14.07 -6.42
CA PTR A 183 34.54 14.79 -5.69
C PTR A 183 33.97 13.83 -4.67
O PTR A 183 33.68 12.68 -5.00
CB PTR A 183 33.45 15.29 -6.63
CG PTR A 183 32.20 15.85 -5.96
CD1 PTR A 183 31.13 15.02 -5.67
CD2 PTR A 183 32.09 17.20 -5.66
CE1 PTR A 183 29.99 15.52 -5.07
CE2 PTR A 183 30.95 17.71 -5.06
CZ PTR A 183 29.90 16.87 -4.75
OH PTR A 183 28.84 17.27 -4.22
P PTR A 183 28.59 18.69 -3.47
O1P PTR A 183 28.51 19.78 -4.47
O2P PTR A 183 29.74 18.97 -2.48
O3P PTR A 183 27.26 18.61 -2.69
N THR A 184 33.83 14.28 -3.43
CA THR A 184 33.25 13.43 -2.39
C THR A 184 31.74 13.67 -2.28
N VAL A 185 30.95 12.61 -2.38
CA VAL A 185 29.50 12.83 -2.38
C VAL A 185 28.82 12.54 -1.04
N LYS A 186 27.77 13.30 -0.78
CA LYS A 186 27.11 13.33 0.51
C LYS A 186 25.84 12.49 0.50
N ASP A 187 24.89 12.84 -0.36
CA ASP A 187 23.71 11.99 -0.49
C ASP A 187 23.88 11.01 -1.66
N ASP A 188 23.69 9.73 -1.33
CA ASP A 188 24.03 8.62 -2.20
C ASP A 188 22.89 7.60 -2.21
N ARG A 189 21.78 7.98 -1.57
CA ARG A 189 20.60 7.15 -1.47
C ARG A 189 20.19 6.62 -2.85
N ASP A 190 20.19 7.50 -3.83
CA ASP A 190 19.69 7.18 -5.16
C ASP A 190 20.76 6.71 -6.15
N SER A 191 21.86 6.18 -5.63
CA SER A 191 22.98 5.75 -6.48
C SER A 191 22.63 4.63 -7.47
N PRO A 192 23.04 4.79 -8.72
CA PRO A 192 22.92 3.68 -9.69
C PRO A 192 24.02 2.67 -9.42
N VAL A 193 23.88 1.90 -8.35
CA VAL A 193 25.00 1.14 -7.83
C VAL A 193 25.56 0.13 -8.83
N PHE A 194 24.71 -0.35 -9.74
CA PHE A 194 25.19 -1.35 -10.68
C PHE A 194 26.05 -0.77 -11.81
N TRP A 195 26.13 0.56 -11.84
CA TRP A 195 27.01 1.28 -12.76
C TRP A 195 28.24 1.89 -12.06
N TYR A 196 28.35 1.73 -10.74
CA TYR A 196 29.35 2.49 -9.97
C TYR A 196 30.61 1.70 -9.66
N ALA A 197 31.76 2.35 -9.75
CA ALA A 197 33.04 1.72 -9.43
C ALA A 197 33.19 1.48 -7.93
N PRO A 198 34.06 0.54 -7.54
CA PRO A 198 34.18 0.17 -6.12
C PRO A 198 34.41 1.38 -5.22
N GLU A 199 35.29 2.28 -5.64
CA GLU A 199 35.65 3.41 -4.81
C GLU A 199 34.45 4.33 -4.58
N CYS A 200 33.48 4.31 -5.50
CA CYS A 200 32.27 5.11 -5.34
C CYS A 200 31.37 4.47 -4.31
N LEU A 201 31.34 3.15 -4.33
CA LEU A 201 30.47 2.37 -3.45
C LEU A 201 31.01 2.32 -2.01
N MET A 202 32.32 2.12 -1.87
CA MET A 202 32.94 1.96 -0.57
C MET A 202 33.20 3.31 0.11
N GLN A 203 33.92 4.20 -0.56
CA GLN A 203 34.30 5.48 0.03
C GLN A 203 33.49 6.67 -0.48
N SER A 204 32.68 6.45 -1.51
CA SER A 204 31.86 7.53 -2.05
C SER A 204 32.70 8.65 -2.68
N LYS A 205 33.81 8.30 -3.30
CA LYS A 205 34.62 9.27 -4.03
C LYS A 205 34.45 9.08 -5.53
N PHE A 206 34.39 10.18 -6.27
CA PHE A 206 34.20 10.11 -7.73
C PHE A 206 35.36 10.71 -8.51
N TYR A 207 36.14 9.84 -9.14
CA TYR A 207 37.21 10.27 -10.02
C TYR A 207 36.74 10.18 -11.46
N ILE A 208 37.40 10.90 -12.33
CA ILE A 208 37.25 10.70 -13.76
C ILE A 208 37.32 9.20 -14.10
N ALA A 209 38.25 8.49 -13.47
CA ALA A 209 38.34 7.05 -13.64
C ALA A 209 37.05 6.34 -13.18
N SER A 210 36.32 6.95 -12.26
CA SER A 210 35.00 6.42 -11.91
C SER A 210 34.02 6.53 -13.10
N ASP A 211 34.10 7.59 -13.88
CA ASP A 211 33.25 7.70 -15.08
C ASP A 211 33.68 6.65 -16.09
N VAL A 212 34.99 6.37 -16.13
CA VAL A 212 35.48 5.36 -17.05
C VAL A 212 34.87 4.01 -16.73
N TRP A 213 34.80 3.66 -15.46
CA TRP A 213 34.11 2.45 -15.03
C TRP A 213 32.66 2.42 -15.53
N SER A 214 31.94 3.52 -15.33
CA SER A 214 30.55 3.60 -15.74
C SER A 214 30.42 3.48 -17.26
N PHE A 215 31.34 4.09 -18.00
CA PHE A 215 31.38 3.88 -19.44
C PHE A 215 31.51 2.38 -19.79
N GLY A 216 32.36 1.68 -19.07
CA GLY A 216 32.48 0.25 -19.20
C GLY A 216 31.12 -0.45 -19.20
N VAL A 217 30.27 -0.11 -18.21
CA VAL A 217 28.97 -0.79 -18.19
C VAL A 217 28.02 -0.26 -19.25
N THR A 218 28.09 1.03 -19.55
CA THR A 218 27.30 1.60 -20.62
C THR A 218 27.65 0.91 -21.92
N LEU A 219 28.93 0.61 -22.11
CA LEU A 219 29.35 -0.11 -23.32
C LEU A 219 28.70 -1.50 -23.35
N HIS A 220 28.71 -2.19 -22.21
CA HIS A 220 28.00 -3.45 -22.10
C HIS A 220 26.53 -3.33 -22.53
N GLU A 221 25.82 -2.34 -21.97
CA GLU A 221 24.41 -2.17 -22.36
C GLU A 221 24.30 -1.99 -23.86
N LEU A 222 25.18 -1.17 -24.41
CA LEU A 222 25.14 -0.88 -25.84
C LEU A 222 25.29 -2.19 -26.61
N LEU A 223 26.24 -3.01 -26.17
CA LEU A 223 26.52 -4.28 -26.84
C LEU A 223 25.38 -5.29 -26.73
N THR A 224 24.58 -5.18 -25.67
CA THR A 224 23.43 -6.08 -25.49
C THR A 224 22.15 -5.39 -25.92
N TYR A 225 22.31 -4.28 -26.65
CA TYR A 225 21.18 -3.53 -27.20
C TYR A 225 20.15 -3.10 -26.16
N CYS A 226 20.62 -2.79 -24.97
CA CYS A 226 19.72 -2.39 -23.90
C CYS A 226 18.58 -3.34 -23.59
N ASP A 227 18.74 -4.63 -23.85
CA ASP A 227 17.68 -5.56 -23.47
C ASP A 227 17.57 -5.70 -21.95
N SER A 228 16.35 -5.63 -21.44
CA SER A 228 16.11 -5.65 -20.01
C SER A 228 16.67 -6.89 -19.31
N ASP A 229 16.59 -8.05 -19.95
CA ASP A 229 17.07 -9.29 -19.28
C ASP A 229 18.58 -9.41 -19.31
N SER A 230 19.23 -8.54 -20.08
CA SER A 230 20.69 -8.45 -20.09
C SER A 230 21.21 -7.18 -19.42
N SER A 231 20.33 -6.40 -18.78
CA SER A 231 20.77 -5.17 -18.13
C SER A 231 21.80 -5.43 -17.03
N PRO A 232 22.68 -4.46 -16.76
CA PRO A 232 23.66 -4.66 -15.69
C PRO A 232 23.00 -5.02 -14.37
N MET A 233 21.81 -4.46 -14.10
CA MET A 233 21.14 -4.77 -12.85
C MET A 233 20.73 -6.24 -12.82
N ALA A 234 19.99 -6.64 -13.84
CA ALA A 234 19.57 -8.03 -13.94
C ALA A 234 20.75 -8.99 -13.87
N LEU A 235 21.84 -8.68 -14.56
CA LEU A 235 22.97 -9.63 -14.60
C LEU A 235 23.69 -9.70 -13.27
N PHE A 236 23.83 -8.56 -12.61
CA PHE A 236 24.48 -8.54 -11.31
C PHE A 236 23.62 -9.23 -10.24
N LEU A 237 22.32 -9.01 -10.29
CA LEU A 237 21.43 -9.60 -9.28
C LEU A 237 21.46 -11.10 -9.37
N LYS A 238 21.60 -11.59 -10.60
CA LYS A 238 21.71 -13.02 -10.87
C LYS A 238 23.04 -13.56 -10.35
N MET A 239 24.09 -12.77 -10.45
CA MET A 239 25.40 -13.18 -9.97
C MET A 239 25.42 -13.33 -8.45
N ILE A 240 24.81 -12.38 -7.75
CA ILE A 240 25.00 -12.26 -6.29
C ILE A 240 23.82 -12.68 -5.42
N GLY A 241 22.67 -12.91 -6.04
CA GLY A 241 21.45 -13.09 -5.29
C GLY A 241 20.58 -11.85 -5.40
N PRO A 242 19.33 -12.03 -5.84
CA PRO A 242 18.37 -10.94 -5.97
C PRO A 242 17.54 -10.68 -4.71
N THR A 243 17.81 -11.40 -3.61
CA THR A 243 16.99 -11.23 -2.40
C THR A 243 17.77 -10.85 -1.14
N HIS A 244 18.84 -10.09 -1.29
CA HIS A 244 19.67 -9.70 -0.15
C HIS A 244 19.33 -8.33 0.43
N GLY A 245 18.36 -7.64 -0.16
CA GLY A 245 17.87 -6.37 0.36
C GLY A 245 18.97 -5.38 0.71
N GLN A 246 19.02 -4.97 1.98
CA GLN A 246 19.99 -3.97 2.42
C GLN A 246 21.43 -4.49 2.31
N MET A 247 21.59 -5.78 2.08
CA MET A 247 22.94 -6.37 2.00
C MET A 247 23.47 -6.41 0.57
N THR A 248 22.67 -5.93 -0.38
CA THR A 248 23.02 -5.97 -1.80
C THR A 248 24.33 -5.27 -2.19
N VAL A 249 24.49 -4.00 -1.80
CA VAL A 249 25.73 -3.28 -2.11
C VAL A 249 26.98 -4.00 -1.55
N THR A 250 26.92 -4.44 -0.30
CA THR A 250 28.00 -5.22 0.30
C THR A 250 28.35 -6.46 -0.53
N ARG A 251 27.34 -7.28 -0.81
CA ARG A 251 27.49 -8.41 -1.71
C ARG A 251 28.10 -7.99 -3.04
N LEU A 252 27.57 -6.91 -3.63
CA LEU A 252 28.10 -6.37 -4.89
C LEU A 252 29.58 -6.03 -4.75
N VAL A 253 29.93 -5.24 -3.72
CA VAL A 253 31.33 -4.89 -3.47
C VAL A 253 32.24 -6.12 -3.34
N ASN A 254 31.74 -7.16 -2.68
CA ASN A 254 32.53 -8.39 -2.56
C ASN A 254 32.78 -9.05 -3.89
N THR A 255 31.73 -9.17 -4.69
CA THR A 255 31.85 -9.80 -5.99
C THR A 255 32.94 -9.12 -6.81
N LEU A 256 32.95 -7.79 -6.76
CA LEU A 256 33.95 -6.99 -7.46
C LEU A 256 35.34 -7.18 -6.86
N LYS A 257 35.39 -7.22 -5.53
CA LYS A 257 36.65 -7.46 -4.83
C LYS A 257 37.17 -8.83 -5.20
N GLU A 258 36.26 -9.77 -5.40
CA GLU A 258 36.62 -11.12 -5.82
C GLU A 258 37.08 -11.17 -7.27
N GLY A 259 36.88 -10.07 -7.99
CA GLY A 259 37.33 -9.97 -9.37
C GLY A 259 36.32 -10.44 -10.40
N LYS A 260 35.10 -10.70 -9.98
CA LYS A 260 34.03 -10.99 -10.92
C LYS A 260 33.61 -9.70 -11.64
N ARG A 261 33.14 -9.84 -12.88
CA ARG A 261 32.71 -8.72 -13.69
C ARG A 261 31.58 -9.23 -14.54
N LEU A 262 30.86 -8.31 -15.18
CA LEU A 262 29.85 -8.70 -16.15
C LEU A 262 30.49 -9.57 -17.22
N PRO A 263 29.76 -10.59 -17.68
CA PRO A 263 30.23 -11.50 -18.72
C PRO A 263 30.28 -10.83 -20.09
N CYS A 264 31.03 -11.42 -21.01
CA CYS A 264 31.08 -10.93 -22.37
C CYS A 264 29.74 -11.11 -23.07
N PRO A 265 29.20 -10.04 -23.65
CA PRO A 265 27.93 -10.15 -24.39
C PRO A 265 28.06 -11.08 -25.57
N PRO A 266 26.98 -11.79 -25.90
CA PRO A 266 27.07 -12.68 -27.07
C PRO A 266 27.49 -11.88 -28.31
N ASN A 267 28.35 -12.47 -29.13
CA ASN A 267 28.73 -11.82 -30.37
C ASN A 267 29.67 -10.64 -30.18
N CYS A 268 30.06 -10.38 -28.94
CA CYS A 268 31.06 -9.37 -28.67
C CYS A 268 32.40 -10.06 -28.81
N PRO A 269 33.21 -9.59 -29.77
CA PRO A 269 34.57 -10.09 -30.01
C PRO A 269 35.48 -9.76 -28.85
N ASP A 270 36.39 -10.67 -28.53
CA ASP A 270 37.18 -10.56 -27.32
C ASP A 270 37.99 -9.28 -27.27
N GLU A 271 38.41 -8.76 -28.42
CA GLU A 271 39.18 -7.52 -28.39
C GLU A 271 38.32 -6.30 -27.97
N VAL A 272 37.01 -6.40 -28.15
CA VAL A 272 36.11 -5.36 -27.65
C VAL A 272 35.89 -5.59 -26.17
N TYR A 273 35.68 -6.86 -25.80
CA TYR A 273 35.49 -7.20 -24.40
C TYR A 273 36.70 -6.81 -23.56
N GLN A 274 37.89 -6.98 -24.11
CA GLN A 274 39.10 -6.69 -23.34
C GLN A 274 39.24 -5.20 -23.08
N LEU A 275 38.83 -4.37 -24.04
CA LEU A 275 38.71 -2.94 -23.80
C LEU A 275 37.74 -2.68 -22.64
N MET A 276 36.63 -3.40 -22.65
CA MET A 276 35.65 -3.25 -21.58
C MET A 276 36.30 -3.56 -20.22
N ARG A 277 37.02 -4.67 -20.14
CA ARG A 277 37.68 -5.09 -18.90
C ARG A 277 38.58 -4.00 -18.30
N LYS A 278 39.34 -3.30 -19.14
CA LYS A 278 40.27 -2.28 -18.62
C LYS A 278 39.53 -1.10 -17.99
N CYS A 279 38.26 -0.91 -18.34
CA CYS A 279 37.43 0.09 -17.67
C CYS A 279 37.13 -0.37 -16.25
N TRP A 280 37.25 -1.67 -16.01
CA TRP A 280 36.84 -2.25 -14.74
C TRP A 280 38.02 -2.77 -13.88
N GLU A 281 39.22 -2.24 -14.10
CA GLU A 281 40.32 -2.54 -13.19
C GLU A 281 39.89 -2.05 -11.83
N PHE A 282 40.18 -2.83 -10.78
CA PHE A 282 39.71 -2.49 -9.46
C PHE A 282 40.29 -1.18 -8.92
N GLN A 283 41.57 -0.94 -9.19
CA GLN A 283 42.20 0.30 -8.75
C GLN A 283 42.01 1.42 -9.80
N PRO A 284 41.44 2.56 -9.39
CA PRO A 284 41.25 3.70 -10.30
C PRO A 284 42.45 3.94 -11.23
N SER A 285 43.64 4.11 -10.65
CA SER A 285 44.87 4.37 -11.41
C SER A 285 45.16 3.37 -12.52
N ASN A 286 44.68 2.13 -12.40
CA ASN A 286 44.94 1.11 -13.42
C ASN A 286 43.97 1.15 -14.59
N ARG A 287 42.92 1.96 -14.48
CA ARG A 287 41.90 2.01 -15.52
C ARG A 287 42.40 2.75 -16.73
N THR A 288 42.05 2.24 -17.91
CA THR A 288 42.33 2.93 -19.15
C THR A 288 41.71 4.32 -19.08
N SER A 289 42.14 5.23 -19.95
CA SER A 289 41.57 6.56 -20.00
C SER A 289 40.57 6.64 -21.16
N PHE A 290 39.85 7.75 -21.27
CA PHE A 290 38.97 7.91 -22.41
C PHE A 290 39.77 8.06 -23.68
N GLN A 291 40.92 8.70 -23.59
CA GLN A 291 41.84 8.83 -24.73
C GLN A 291 42.29 7.45 -25.25
N ASN A 292 42.75 6.59 -24.35
CA ASN A 292 43.18 5.26 -24.76
C ASN A 292 42.02 4.50 -25.37
N LEU A 293 40.85 4.64 -24.75
CA LEU A 293 39.68 3.94 -25.24
C LEU A 293 39.40 4.39 -26.66
N ILE A 294 39.42 5.70 -26.90
CA ILE A 294 39.17 6.21 -28.25
C ILE A 294 40.14 5.59 -29.26
N GLU A 295 41.43 5.60 -28.92
CA GLU A 295 42.45 4.96 -29.78
C GLU A 295 42.21 3.46 -30.02
N GLY A 296 41.95 2.72 -28.95
CA GLY A 296 41.63 1.31 -29.04
C GLY A 296 40.44 1.07 -29.96
N PHE A 297 39.34 1.79 -29.72
CA PHE A 297 38.17 1.68 -30.61
C PHE A 297 38.50 2.02 -32.06
N GLU A 298 39.23 3.10 -32.28
CA GLU A 298 39.59 3.52 -33.65
C GLU A 298 40.43 2.48 -34.38
N ALA A 299 41.30 1.78 -33.65
CA ALA A 299 42.09 0.71 -34.24
C ALA A 299 41.22 -0.42 -34.77
N LEU A 300 40.09 -0.67 -34.11
CA LEU A 300 39.17 -1.74 -34.53
C LEU A 300 38.33 -1.35 -35.74
N LEU A 301 38.31 -0.06 -36.05
CA LEU A 301 37.43 0.44 -37.10
C LEU A 301 38.13 0.67 -38.44
N LYS A 302 39.47 0.70 -38.41
CA LYS A 302 40.26 0.84 -39.63
C LYS A 302 39.88 -0.21 -40.69
N VAL B 13 -0.74 -40.04 27.84
CA VAL B 13 -0.55 -38.64 28.22
C VAL B 13 0.91 -38.17 28.08
N ASP B 14 1.15 -37.39 27.02
CA ASP B 14 2.44 -36.74 26.83
C ASP B 14 2.33 -35.27 27.28
N PRO B 15 3.02 -34.91 28.37
CA PRO B 15 2.90 -33.56 28.93
C PRO B 15 3.38 -32.48 27.96
N THR B 16 4.28 -32.84 27.06
CA THR B 16 4.83 -31.88 26.10
C THR B 16 4.05 -31.83 24.78
N HIS B 17 2.87 -32.44 24.76
CA HIS B 17 2.02 -32.39 23.57
C HIS B 17 0.82 -31.47 23.82
N PHE B 18 0.71 -30.42 23.03
CA PHE B 18 -0.35 -29.44 23.24
C PHE B 18 -1.34 -29.51 22.07
N GLU B 19 -2.62 -29.69 22.39
CA GLU B 19 -3.67 -29.80 21.37
C GLU B 19 -4.14 -28.42 20.92
N LYS B 20 -4.04 -28.16 19.62
CA LYS B 20 -4.31 -26.84 19.07
C LYS B 20 -5.65 -26.28 19.51
N ARG B 21 -6.65 -27.15 19.55
CA ARG B 21 -8.01 -26.72 19.83
C ARG B 21 -8.15 -26.06 21.21
N PHE B 22 -7.23 -26.37 22.13
CA PHE B 22 -7.29 -25.84 23.49
C PHE B 22 -6.40 -24.63 23.69
N LEU B 23 -5.69 -24.24 22.64
CA LEU B 23 -4.77 -23.11 22.68
C LEU B 23 -5.54 -21.84 22.38
N LYS B 24 -5.62 -20.95 23.36
CA LYS B 24 -6.40 -19.74 23.16
C LYS B 24 -5.55 -18.48 23.22
N ARG B 25 -5.48 -17.78 22.08
CA ARG B 25 -4.72 -16.54 21.96
C ARG B 25 -5.17 -15.45 22.92
N ILE B 26 -4.22 -14.90 23.68
CA ILE B 26 -4.49 -13.75 24.54
C ILE B 26 -4.01 -12.47 23.90
N ARG B 27 -2.75 -12.45 23.46
CA ARG B 27 -2.20 -11.28 22.79
C ARG B 27 -0.85 -11.59 22.16
N ASP B 28 -0.33 -10.63 21.41
CA ASP B 28 0.86 -10.81 20.60
C ASP B 28 2.06 -10.38 21.47
N LEU B 29 3.17 -11.08 21.33
CA LEU B 29 4.31 -10.92 22.23
C LEU B 29 5.54 -10.44 21.46
N GLY B 30 5.58 -10.76 20.18
CA GLY B 30 6.69 -10.35 19.37
C GLY B 30 6.51 -10.93 17.99
N GLU B 31 6.96 -10.19 17.00
CA GLU B 31 6.78 -10.60 15.62
C GLU B 31 8.13 -10.49 14.93
N GLY B 32 8.36 -11.37 13.95
CA GLY B 32 9.50 -11.26 13.07
C GLY B 32 8.92 -11.25 11.68
N HIS B 33 9.76 -11.47 10.67
CA HIS B 33 9.25 -11.47 9.31
C HIS B 33 8.64 -12.83 8.94
N PHE B 34 9.09 -13.88 9.62
CA PHE B 34 8.56 -15.22 9.34
C PHE B 34 7.83 -15.89 10.50
N GLY B 35 8.19 -15.55 11.74
CA GLY B 35 7.50 -16.10 12.88
C GLY B 35 6.85 -15.05 13.78
N LYS B 36 5.86 -15.48 14.56
CA LYS B 36 5.30 -14.68 15.64
C LYS B 36 5.22 -15.47 16.94
N VAL B 37 5.23 -14.77 18.07
CA VAL B 37 5.00 -15.40 19.36
C VAL B 37 3.77 -14.76 19.98
N GLU B 38 2.84 -15.58 20.45
CA GLU B 38 1.63 -15.06 21.07
C GLU B 38 1.47 -15.64 22.46
N LEU B 39 0.97 -14.81 23.37
CA LEU B 39 0.60 -15.30 24.68
C LEU B 39 -0.72 -16.04 24.54
N CYS B 40 -0.74 -17.30 24.98
CA CYS B 40 -1.95 -18.10 24.92
C CYS B 40 -2.24 -18.74 26.26
N ARG B 41 -3.51 -19.04 26.50
CA ARG B 41 -3.85 -19.90 27.62
C ARG B 41 -4.12 -21.30 27.10
N TYR B 42 -3.36 -22.27 27.58
CA TYR B 42 -3.66 -23.66 27.26
C TYR B 42 -4.73 -24.22 28.22
N ASP B 43 -5.96 -24.32 27.74
CA ASP B 43 -7.11 -24.47 28.62
C ASP B 43 -7.99 -25.66 28.25
N PRO B 44 -7.47 -26.88 28.42
CA PRO B 44 -8.16 -28.10 27.99
C PRO B 44 -9.44 -28.37 28.76
N GLU B 45 -9.60 -27.77 29.94
CA GLU B 45 -10.79 -27.98 30.75
C GLU B 45 -11.84 -26.90 30.50
N GLY B 46 -11.50 -25.96 29.62
CA GLY B 46 -12.45 -24.97 29.13
C GLY B 46 -13.10 -24.05 30.14
N ASP B 47 -12.43 -23.81 31.26
CA ASP B 47 -12.97 -22.95 32.30
C ASP B 47 -12.00 -21.82 32.65
N ASN B 48 -11.05 -21.56 31.77
CA ASN B 48 -10.03 -20.54 31.99
C ASN B 48 -9.16 -20.75 33.23
N THR B 49 -8.83 -22.01 33.53
CA THR B 49 -7.92 -22.32 34.64
C THR B 49 -6.57 -22.80 34.10
N GLY B 50 -6.52 -23.06 32.81
CA GLY B 50 -5.29 -23.47 32.15
C GLY B 50 -4.14 -22.51 32.28
N GLU B 51 -2.92 -23.00 32.09
CA GLU B 51 -1.72 -22.18 32.23
C GLU B 51 -1.46 -21.29 31.02
N GLN B 52 -0.87 -20.13 31.26
CA GLN B 52 -0.45 -19.26 30.16
C GLN B 52 0.89 -19.74 29.62
N VAL B 53 1.01 -19.78 28.29
CA VAL B 53 2.27 -20.15 27.65
C VAL B 53 2.60 -19.21 26.49
N ALA B 54 3.84 -19.26 26.04
CA ALA B 54 4.30 -18.50 24.87
C ALA B 54 4.39 -19.43 23.67
N VAL B 55 3.71 -19.06 22.60
CA VAL B 55 3.58 -19.94 21.44
C VAL B 55 4.16 -19.30 20.20
N LYS B 56 5.16 -19.95 19.62
CA LYS B 56 5.76 -19.45 18.40
C LYS B 56 5.27 -20.28 17.22
N SER B 57 4.83 -19.59 16.17
CA SER B 57 4.40 -20.30 14.98
C SER B 57 4.82 -19.50 13.77
N LEU B 58 4.66 -20.08 12.59
CA LEU B 58 5.08 -19.46 11.35
C LEU B 58 4.00 -18.54 10.77
N LYS B 59 4.44 -17.54 10.03
CA LYS B 59 3.55 -16.67 9.26
C LYS B 59 3.62 -17.07 7.79
N PRO B 60 2.50 -17.63 7.26
CA PRO B 60 2.42 -18.17 5.90
C PRO B 60 2.80 -17.17 4.82
N ASN B 65 8.43 -21.40 2.60
CA ASN B 65 8.09 -22.18 3.80
C ASN B 65 9.27 -22.53 4.70
N HIS B 66 9.13 -22.22 5.98
CA HIS B 66 10.24 -22.38 6.92
C HIS B 66 9.89 -23.33 8.06
N ILE B 67 9.08 -24.35 7.80
CA ILE B 67 8.76 -25.28 8.86
C ILE B 67 10.03 -26.01 9.29
N ALA B 68 10.89 -26.32 8.33
CA ALA B 68 12.12 -27.03 8.65
C ALA B 68 12.92 -26.24 9.66
N ASP B 69 13.02 -24.93 9.44
CA ASP B 69 13.72 -24.03 10.35
C ASP B 69 13.17 -24.06 11.79
N LEU B 70 11.86 -23.90 11.91
CA LEU B 70 11.22 -23.91 13.23
C LEU B 70 11.45 -25.26 13.91
N LYS B 71 11.36 -26.34 13.15
CA LYS B 71 11.60 -27.67 13.71
C LYS B 71 13.01 -27.80 14.29
N LYS B 72 13.99 -27.15 13.67
CA LYS B 72 15.36 -27.19 14.16
C LYS B 72 15.48 -26.36 15.43
N GLU B 73 14.79 -25.22 15.45
CA GLU B 73 14.82 -24.33 16.61
C GLU B 73 14.30 -25.08 17.82
N ILE B 74 13.18 -25.79 17.62
CA ILE B 74 12.56 -26.65 18.64
C ILE B 74 13.53 -27.70 19.15
N GLU B 75 14.16 -28.42 18.21
CA GLU B 75 15.14 -29.45 18.60
C GLU B 75 16.30 -28.83 19.36
N ILE B 76 16.72 -27.64 18.96
CA ILE B 76 17.81 -26.97 19.66
C ILE B 76 17.35 -26.63 21.07
N LEU B 77 16.26 -25.88 21.17
CA LEU B 77 15.77 -25.44 22.47
C LEU B 77 15.38 -26.59 23.40
N ARG B 78 14.79 -27.64 22.83
CA ARG B 78 14.34 -28.80 23.59
C ARG B 78 15.51 -29.36 24.39
N ASN B 79 16.70 -29.30 23.81
CA ASN B 79 17.86 -29.91 24.44
C ASN B 79 18.80 -28.96 25.16
N LEU B 80 18.38 -27.70 25.34
CA LEU B 80 19.16 -26.78 26.16
C LEU B 80 18.60 -26.76 27.56
N TYR B 81 19.45 -27.00 28.56
CA TYR B 81 19.03 -26.96 29.94
C TYR B 81 19.89 -25.98 30.72
N HIS B 82 19.36 -24.80 31.00
CA HIS B 82 20.16 -23.77 31.66
C HIS B 82 19.29 -22.72 32.28
N GLU B 83 19.69 -22.29 33.47
CA GLU B 83 18.98 -21.28 34.25
C GLU B 83 18.68 -20.00 33.48
N ASN B 84 19.54 -19.64 32.54
CA ASN B 84 19.43 -18.35 31.84
C ASN B 84 18.98 -18.53 30.40
N ILE B 85 18.34 -19.66 30.15
CA ILE B 85 17.82 -19.98 28.84
C ILE B 85 16.37 -20.40 29.02
N VAL B 86 15.46 -19.74 28.29
CA VAL B 86 14.02 -19.96 28.42
C VAL B 86 13.70 -21.45 28.27
N LYS B 87 12.75 -21.94 29.06
CA LYS B 87 12.39 -23.37 29.04
C LYS B 87 11.44 -23.72 27.91
N TYR B 88 11.80 -24.79 27.21
CA TYR B 88 10.91 -25.47 26.28
C TYR B 88 9.80 -26.15 27.08
N LYS B 89 8.56 -26.05 26.60
CA LYS B 89 7.44 -26.74 27.22
C LYS B 89 6.88 -27.90 26.38
N GLY B 90 6.97 -27.76 25.06
CA GLY B 90 6.46 -28.78 24.17
C GLY B 90 6.11 -28.25 22.78
N ILE B 91 5.28 -28.98 22.06
CA ILE B 91 4.88 -28.56 20.72
C ILE B 91 3.39 -28.77 20.50
N CYS B 92 2.93 -28.19 19.39
CA CYS B 92 1.57 -28.39 18.96
C CYS B 92 1.66 -28.74 17.49
N THR B 93 1.20 -29.93 17.13
CA THR B 93 1.29 -30.41 15.75
C THR B 93 0.02 -30.15 14.94
N ASN B 98 1.29 -31.85 9.73
CA ASN B 98 1.97 -30.98 8.77
C ASN B 98 2.77 -29.86 9.40
N GLY B 99 2.09 -28.80 9.82
CA GLY B 99 2.71 -27.65 10.47
C GLY B 99 3.03 -27.90 11.95
N ILE B 100 3.67 -26.92 12.59
CA ILE B 100 4.07 -27.10 13.98
C ILE B 100 4.25 -25.77 14.72
N LYS B 101 4.07 -25.80 16.04
CA LYS B 101 4.24 -24.62 16.87
C LYS B 101 5.14 -24.99 18.04
N LEU B 102 5.97 -24.05 18.48
CA LEU B 102 6.85 -24.25 19.63
C LEU B 102 6.15 -23.68 20.85
N ILE B 103 6.14 -24.43 21.94
CA ILE B 103 5.52 -23.95 23.17
C ILE B 103 6.61 -23.69 24.19
N MET B 104 6.71 -22.46 24.68
CA MET B 104 7.73 -22.10 25.66
C MET B 104 7.05 -21.61 26.90
N GLU B 105 7.77 -21.60 28.02
CA GLU B 105 7.23 -20.94 29.21
C GLU B 105 7.01 -19.46 28.91
N PHE B 106 5.99 -18.88 29.53
CA PHE B 106 5.72 -17.46 29.40
C PHE B 106 6.30 -16.72 30.59
N LEU B 107 7.04 -15.65 30.33
CA LEU B 107 7.56 -14.83 31.43
C LEU B 107 6.86 -13.48 31.41
N PRO B 108 5.98 -13.26 32.38
CA PRO B 108 5.07 -12.10 32.38
C PRO B 108 5.81 -10.77 32.41
N SER B 109 6.99 -10.69 32.99
CA SER B 109 7.71 -9.41 33.01
C SER B 109 8.26 -9.04 31.64
N GLY B 110 8.09 -9.94 30.66
CA GLY B 110 8.49 -9.69 29.29
C GLY B 110 10.00 -9.62 29.08
N SER B 111 10.40 -8.97 27.97
CA SER B 111 11.80 -8.78 27.64
C SER B 111 12.30 -7.50 28.29
N LEU B 112 13.62 -7.32 28.26
CA LEU B 112 14.24 -6.09 28.73
C LEU B 112 13.64 -4.83 28.08
N LYS B 113 13.18 -4.96 26.84
CA LYS B 113 12.47 -3.87 26.12
C LYS B 113 11.24 -3.40 26.89
N GLU B 114 10.49 -4.34 27.46
CA GLU B 114 9.33 -3.98 28.26
C GLU B 114 9.73 -3.63 29.69
N TYR B 115 10.62 -4.44 30.26
CA TYR B 115 10.87 -4.37 31.69
C TYR B 115 11.71 -3.17 32.12
N LEU B 116 12.78 -2.89 31.39
CA LEU B 116 13.71 -1.83 31.79
C LEU B 116 13.09 -0.42 31.84
N PRO B 117 12.38 -0.01 30.80
CA PRO B 117 11.83 1.35 30.89
C PRO B 117 10.87 1.51 32.05
N LYS B 118 10.20 0.44 32.48
CA LYS B 118 9.22 0.51 33.56
C LYS B 118 9.81 0.41 34.96
N ASN B 119 11.01 -0.16 35.08
CA ASN B 119 11.57 -0.41 36.40
C ASN B 119 12.91 0.27 36.62
N LYS B 120 13.20 1.25 35.78
CA LYS B 120 14.39 2.08 35.87
C LYS B 120 14.77 2.31 37.34
N ASN B 121 13.80 2.79 38.11
CA ASN B 121 14.04 3.18 39.48
C ASN B 121 14.49 2.03 40.38
N LYS B 122 13.92 0.84 40.13
CA LYS B 122 14.21 -0.35 40.92
CA LYS B 122 14.21 -0.35 40.91
C LYS B 122 15.54 -0.99 40.52
N ILE B 123 15.92 -0.83 39.25
CA ILE B 123 17.08 -1.54 38.69
C ILE B 123 18.33 -0.68 38.63
N ASN B 124 19.28 -0.94 39.54
CA ASN B 124 20.52 -0.17 39.55
C ASN B 124 21.68 -0.84 38.80
N LEU B 125 22.85 -0.22 38.85
CA LEU B 125 23.98 -0.71 38.08
C LEU B 125 24.38 -2.12 38.49
N LYS B 126 24.43 -2.36 39.79
CA LYS B 126 24.80 -3.67 40.30
C LYS B 126 23.90 -4.74 39.69
N GLN B 127 22.60 -4.49 39.71
CA GLN B 127 21.64 -5.43 39.16
C GLN B 127 21.85 -5.59 37.65
N GLN B 128 22.17 -4.49 36.99
CA GLN B 128 22.50 -4.53 35.57
C GLN B 128 23.68 -5.44 35.30
N LEU B 129 24.74 -5.30 36.10
CA LEU B 129 25.92 -6.13 35.86
C LEU B 129 25.62 -7.59 36.07
N LYS B 130 24.68 -7.88 36.96
CA LYS B 130 24.25 -9.26 37.21
C LYS B 130 23.47 -9.82 36.02
N TYR B 131 22.55 -9.04 35.45
CA TYR B 131 21.92 -9.46 34.22
C TYR B 131 22.98 -9.71 33.16
N ALA B 132 23.96 -8.81 33.07
CA ALA B 132 25.01 -9.00 32.08
C ALA B 132 25.77 -10.34 32.29
N VAL B 133 26.07 -10.67 33.55
CA VAL B 133 26.71 -11.95 33.89
C VAL B 133 25.84 -13.14 33.46
N GLN B 134 24.56 -13.08 33.79
CA GLN B 134 23.66 -14.16 33.42
C GLN B 134 23.52 -14.31 31.91
N ILE B 135 23.46 -13.20 31.18
CA ILE B 135 23.40 -13.32 29.73
C ILE B 135 24.65 -14.07 29.21
N CYS B 136 25.83 -13.72 29.71
CA CYS B 136 27.08 -14.36 29.23
C CYS B 136 27.15 -15.85 29.59
N LYS B 137 26.62 -16.21 30.75
CA LYS B 137 26.59 -17.62 31.14
C LYS B 137 25.70 -18.44 30.22
N GLY B 138 24.53 -17.90 29.90
CA GLY B 138 23.65 -18.57 28.98
C GLY B 138 24.32 -18.67 27.62
N MET B 139 24.94 -17.58 27.19
CA MET B 139 25.56 -17.56 25.87
C MET B 139 26.74 -18.52 25.87
N ASP B 140 27.54 -18.50 26.95
CA ASP B 140 28.69 -19.37 27.02
C ASP B 140 28.25 -20.83 26.99
N TYR B 141 27.12 -21.14 27.62
CA TYR B 141 26.62 -22.51 27.61
C TYR B 141 26.20 -22.86 26.18
N LEU B 142 25.67 -21.88 25.46
CA LEU B 142 25.24 -22.09 24.09
C LEU B 142 26.44 -22.32 23.17
N GLY B 143 27.52 -21.57 23.38
CA GLY B 143 28.70 -21.71 22.54
C GLY B 143 29.39 -23.05 22.76
N SER B 144 29.42 -23.50 24.01
CA SER B 144 30.05 -24.77 24.34
C SER B 144 29.32 -25.94 23.67
N ARG B 145 28.06 -25.72 23.34
CA ARG B 145 27.30 -26.73 22.60
C ARG B 145 27.43 -26.50 21.08
N GLN B 146 28.37 -25.64 20.70
CA GLN B 146 28.76 -25.45 19.30
C GLN B 146 27.73 -24.69 18.48
N TYR B 147 27.02 -23.77 19.14
CA TYR B 147 26.02 -22.93 18.50
C TYR B 147 26.43 -21.46 18.39
N VAL B 148 26.06 -20.82 17.29
CA VAL B 148 26.04 -19.36 17.23
C VAL B 148 24.58 -18.95 17.19
N HIS B 149 24.27 -17.94 17.99
CA HIS B 149 22.90 -17.44 18.19
C HIS B 149 22.49 -16.45 17.10
N ARG B 150 23.40 -15.54 16.75
CA ARG B 150 23.18 -14.61 15.63
C ARG B 150 22.12 -13.52 15.86
N ASP B 151 21.45 -13.50 17.01
CA ASP B 151 20.35 -12.52 17.15
C ASP B 151 20.27 -11.99 18.58
N LEU B 152 21.41 -11.88 19.23
CA LEU B 152 21.44 -11.47 20.62
C LEU B 152 21.15 -9.97 20.71
N ALA B 153 20.04 -9.62 21.33
CA ALA B 153 19.70 -8.22 21.53
C ALA B 153 18.73 -8.15 22.71
N ALA B 154 18.58 -6.97 23.30
CA ALA B 154 17.72 -6.79 24.47
C ALA B 154 16.36 -7.44 24.33
N ARG B 155 15.73 -7.25 23.17
CA ARG B 155 14.38 -7.78 22.96
C ARG B 155 14.31 -9.30 23.04
N ASN B 156 15.47 -9.96 22.99
CA ASN B 156 15.52 -11.43 23.10
C ASN B 156 16.02 -11.87 24.48
N VAL B 157 16.14 -10.92 25.40
CA VAL B 157 16.49 -11.26 26.79
C VAL B 157 15.28 -11.10 27.70
N LEU B 158 14.79 -12.23 28.22
CA LEU B 158 13.57 -12.23 29.04
C LEU B 158 13.86 -12.05 30.53
N VAL B 159 12.91 -11.41 31.22
CA VAL B 159 13.05 -11.15 32.64
C VAL B 159 12.21 -12.14 33.43
N GLU B 160 12.87 -12.98 34.21
CA GLU B 160 12.19 -14.03 34.97
C GLU B 160 11.78 -13.45 36.30
N SER B 161 12.63 -12.56 36.82
CA SER B 161 12.32 -11.79 38.02
C SER B 161 13.35 -10.69 38.09
N GLU B 162 13.15 -9.76 39.03
CA GLU B 162 14.08 -8.69 39.28
C GLU B 162 15.52 -9.21 39.34
N HIS B 163 15.66 -10.49 39.67
CA HIS B 163 17.00 -11.07 39.90
C HIS B 163 17.50 -12.05 38.83
N GLN B 164 16.69 -12.29 37.80
CA GLN B 164 17.03 -13.34 36.85
C GLN B 164 16.55 -13.06 35.43
N VAL B 165 17.41 -13.23 34.44
CA VAL B 165 16.99 -13.14 33.04
C VAL B 165 17.32 -14.42 32.28
N LYS B 166 16.67 -14.59 31.13
CA LYS B 166 16.89 -15.77 30.29
C LYS B 166 16.89 -15.36 28.82
N ILE B 167 17.83 -15.91 28.05
CA ILE B 167 17.81 -15.74 26.61
C ILE B 167 16.51 -16.36 26.08
N GLY B 168 15.72 -15.60 25.33
CA GLY B 168 14.34 -15.97 25.11
C GLY B 168 13.88 -16.31 23.71
N ASP B 169 14.80 -16.32 22.75
CA ASP B 169 14.47 -16.70 21.39
C ASP B 169 15.70 -17.31 20.71
N PHE B 170 15.48 -18.26 19.82
CA PHE B 170 16.59 -18.97 19.16
C PHE B 170 16.33 -19.18 17.69
N GLY B 171 15.62 -18.24 17.09
CA GLY B 171 15.17 -18.34 15.71
C GLY B 171 16.24 -18.31 14.62
N LEU B 172 17.40 -17.74 14.91
CA LEU B 172 18.51 -17.69 13.96
C LEU B 172 19.68 -18.58 14.42
N THR B 173 19.49 -19.28 15.52
CA THR B 173 20.58 -20.07 16.06
C THR B 173 21.04 -21.15 15.09
N LYS B 174 22.35 -21.25 14.86
CA LYS B 174 22.91 -22.21 13.92
C LYS B 174 24.02 -23.02 14.55
N ALA B 175 24.14 -24.27 14.11
CA ALA B 175 25.22 -25.15 14.54
C ALA B 175 26.52 -24.76 13.83
N ILE B 176 27.60 -24.65 14.60
CA ILE B 176 28.95 -24.59 14.06
C ILE B 176 29.46 -26.03 13.89
N GLU B 177 29.76 -26.42 12.67
CA GLU B 177 30.30 -27.77 12.43
C GLU B 177 31.60 -28.03 13.20
N THR B 178 31.85 -29.29 13.52
CA THR B 178 33.07 -29.69 14.19
C THR B 178 34.29 -29.25 13.38
N ASP B 179 35.38 -28.94 14.07
CA ASP B 179 36.64 -28.47 13.47
C ASP B 179 36.48 -27.38 12.38
N LYS B 180 35.43 -26.59 12.48
CA LYS B 180 35.32 -25.33 11.76
C LYS B 180 34.88 -24.25 12.74
N GLU B 181 35.25 -23.01 12.50
CA GLU B 181 35.02 -22.00 13.52
C GLU B 181 33.86 -21.06 13.26
N PTR B 182 33.16 -21.22 12.14
CA PTR B 182 32.06 -20.33 11.84
C PTR B 182 30.93 -20.96 11.02
O PTR B 182 31.09 -22.05 10.49
CB PTR B 182 32.57 -19.07 11.15
CG PTR B 182 33.14 -19.29 9.76
CD1 PTR B 182 34.48 -19.07 9.49
CD2 PTR B 182 32.32 -19.67 8.71
CE1 PTR B 182 35.00 -19.25 8.23
CE2 PTR B 182 32.82 -19.85 7.43
CZ PTR B 182 34.16 -19.64 7.20
OH PTR B 182 34.59 -19.79 6.06
P PTR B 182 35.95 -20.57 5.69
O1P PTR B 182 36.05 -20.57 4.21
O2P PTR B 182 35.89 -22.02 6.22
O3P PTR B 182 37.17 -19.84 6.30
N PTR B 183 29.80 -20.27 10.96
CA PTR B 183 28.72 -20.65 10.06
C PTR B 183 28.67 -19.57 8.99
O PTR B 183 28.98 -18.42 9.25
CB PTR B 183 27.38 -20.79 10.82
CG PTR B 183 26.16 -20.96 9.93
CD1 PTR B 183 25.39 -19.87 9.58
CD2 PTR B 183 25.76 -22.22 9.47
CE1 PTR B 183 24.27 -20.00 8.77
CE2 PTR B 183 24.64 -22.37 8.66
CZ PTR B 183 23.89 -21.25 8.30
OH PTR B 183 22.86 -21.33 7.59
P PTR B 183 22.31 -22.65 6.82
O1P PTR B 183 21.59 -23.53 7.77
O2P PTR B 183 23.49 -23.42 6.18
O3P PTR B 183 21.34 -22.20 5.70
N THR B 184 28.32 -19.95 7.77
CA THR B 184 28.26 -19.00 6.68
C THR B 184 26.80 -18.75 6.30
N VAL B 185 26.40 -17.48 6.32
CA VAL B 185 25.00 -17.11 6.12
C VAL B 185 24.67 -16.78 4.65
N LYS B 186 23.61 -17.41 4.15
CA LYS B 186 23.15 -17.19 2.79
C LYS B 186 22.06 -16.13 2.80
N ASP B 187 21.02 -16.37 3.59
CA ASP B 187 19.90 -15.45 3.69
C ASP B 187 20.14 -14.39 4.78
N ASP B 188 20.29 -13.14 4.35
CA ASP B 188 20.73 -12.05 5.23
C ASP B 188 19.88 -10.79 5.10
N ARG B 189 18.84 -10.86 4.27
CA ARG B 189 18.01 -9.71 3.98
C ARG B 189 17.48 -9.03 5.25
N ASP B 190 17.19 -9.84 6.27
CA ASP B 190 16.56 -9.32 7.51
C ASP B 190 17.52 -9.21 8.70
N SER B 191 18.79 -8.97 8.43
CA SER B 191 19.80 -8.93 9.48
C SER B 191 19.63 -7.72 10.40
N PRO B 192 19.77 -7.94 11.72
CA PRO B 192 19.81 -6.83 12.67
C PRO B 192 21.18 -6.16 12.57
N VAL B 193 21.43 -5.50 11.44
CA VAL B 193 22.75 -4.99 11.10
C VAL B 193 23.41 -4.16 12.20
N PHE B 194 22.61 -3.38 12.93
CA PHE B 194 23.18 -2.54 13.98
C PHE B 194 23.66 -3.29 15.21
N TRP B 195 23.38 -4.59 15.25
CA TRP B 195 23.94 -5.47 16.30
C TRP B 195 25.07 -6.36 15.79
N TYR B 196 25.43 -6.20 14.52
CA TYR B 196 26.29 -7.19 13.83
C TYR B 196 27.76 -6.78 13.70
N ALA B 197 28.67 -7.71 13.99
CA ALA B 197 30.10 -7.46 13.86
C ALA B 197 30.50 -7.23 12.40
N PRO B 198 31.68 -6.62 12.16
CA PRO B 198 32.10 -6.38 10.77
C PRO B 198 32.21 -7.64 9.91
N GLU B 199 32.76 -8.73 10.44
CA GLU B 199 32.89 -9.94 9.62
C GLU B 199 31.54 -10.49 9.20
N CYS B 200 30.51 -10.19 9.98
CA CYS B 200 29.14 -10.57 9.62
C CYS B 200 28.60 -9.72 8.48
N LEU B 201 28.74 -8.41 8.62
CA LEU B 201 28.27 -7.49 7.59
C LEU B 201 29.05 -7.68 6.28
N MET B 202 30.35 -7.92 6.39
CA MET B 202 31.26 -7.98 5.24
C MET B 202 31.28 -9.33 4.51
N GLN B 203 31.38 -10.44 5.23
CA GLN B 203 31.55 -11.74 4.59
C GLN B 203 30.52 -12.80 4.98
N SER B 204 29.51 -12.42 5.76
CA SER B 204 28.45 -13.36 6.13
C SER B 204 28.98 -14.53 6.94
N LYS B 205 30.14 -14.36 7.55
CA LYS B 205 30.67 -15.38 8.45
C LYS B 205 30.29 -15.04 9.89
N PHE B 206 29.73 -16.01 10.60
CA PHE B 206 29.33 -15.79 11.99
C PHE B 206 30.09 -16.66 12.98
N TYR B 207 30.91 -16.04 13.82
CA TYR B 207 31.67 -16.74 14.84
C TYR B 207 31.05 -16.53 16.21
N ILE B 208 31.49 -17.33 17.17
CA ILE B 208 31.11 -17.08 18.55
C ILE B 208 31.54 -15.68 18.92
N ALA B 209 32.73 -15.30 18.49
CA ALA B 209 33.22 -13.94 18.70
C ALA B 209 32.23 -12.90 18.18
N SER B 210 31.47 -13.27 17.16
CA SER B 210 30.45 -12.37 16.62
C SER B 210 29.28 -12.25 17.60
N ASP B 211 28.89 -13.37 18.21
CA ASP B 211 27.93 -13.31 19.31
C ASP B 211 28.46 -12.39 20.41
N VAL B 212 29.77 -12.44 20.66
CA VAL B 212 30.37 -11.56 21.67
C VAL B 212 30.16 -10.08 21.32
N TRP B 213 30.30 -9.75 20.03
CA TRP B 213 30.04 -8.40 19.54
C TRP B 213 28.61 -7.98 19.87
N SER B 214 27.66 -8.78 19.41
CA SER B 214 26.26 -8.55 19.68
C SER B 214 26.00 -8.35 21.17
N PHE B 215 26.67 -9.13 22.02
CA PHE B 215 26.45 -8.97 23.45
C PHE B 215 26.83 -7.57 23.91
N GLY B 216 28.01 -7.12 23.48
CA GLY B 216 28.42 -5.74 23.70
C GLY B 216 27.32 -4.75 23.36
N VAL B 217 26.74 -4.90 22.18
CA VAL B 217 25.62 -4.04 21.79
C VAL B 217 24.43 -4.19 22.76
N THR B 218 24.08 -5.45 23.06
CA THR B 218 23.03 -5.75 24.04
C THR B 218 23.30 -5.14 25.42
N LEU B 219 24.54 -5.21 25.88
CA LEU B 219 24.91 -4.58 27.14
C LEU B 219 24.73 -3.04 27.09
N HIS B 220 24.97 -2.46 25.91
CA HIS B 220 24.74 -1.04 25.73
C HIS B 220 23.25 -0.74 25.96
N GLU B 221 22.38 -1.51 25.31
CA GLU B 221 20.95 -1.34 25.49
C GLU B 221 20.54 -1.43 26.96
N LEU B 222 21.11 -2.43 27.64
CA LEU B 222 20.75 -2.70 29.02
C LEU B 222 21.09 -1.46 29.87
N LEU B 223 22.24 -0.88 29.58
CA LEU B 223 22.72 0.30 30.31
C LEU B 223 21.95 1.58 29.99
N THR B 224 21.23 1.58 28.88
CA THR B 224 20.38 2.71 28.51
C THR B 224 18.90 2.36 28.68
N TYR B 225 18.64 1.33 29.48
CA TYR B 225 17.27 0.93 29.81
C TYR B 225 16.37 0.78 28.59
N CYS B 226 16.98 0.42 27.46
CA CYS B 226 16.23 0.14 26.26
C CYS B 226 15.35 1.30 25.84
N ASP B 227 15.78 2.53 26.13
CA ASP B 227 15.04 3.67 25.63
C ASP B 227 15.24 3.82 24.13
N SER B 228 14.15 4.06 23.42
CA SER B 228 14.21 4.03 21.97
C SER B 228 15.18 5.08 21.43
N ASP B 229 15.24 6.24 22.07
CA ASP B 229 16.10 7.28 21.53
C ASP B 229 17.59 7.02 21.78
N SER B 230 17.89 6.01 22.58
CA SER B 230 19.28 5.61 22.80
C SER B 230 19.59 4.22 22.21
N SER B 231 18.68 3.73 21.38
CA SER B 231 18.86 2.40 20.84
C SER B 231 20.00 2.39 19.80
N PRO B 232 20.66 1.24 19.62
CA PRO B 232 21.83 1.19 18.73
C PRO B 232 21.48 1.66 17.32
N MET B 233 20.29 1.36 16.85
CA MET B 233 19.87 1.86 15.53
C MET B 233 19.77 3.39 15.52
N ALA B 234 19.13 3.97 16.53
CA ALA B 234 18.99 5.44 16.56
C ALA B 234 20.36 6.10 16.65
N LEU B 235 21.21 5.61 17.53
CA LEU B 235 22.53 6.19 17.71
C LEU B 235 23.42 6.02 16.48
N PHE B 236 23.42 4.84 15.87
CA PHE B 236 24.22 4.67 14.66
C PHE B 236 23.69 5.53 13.52
N LEU B 237 22.37 5.61 13.38
CA LEU B 237 21.77 6.43 12.33
C LEU B 237 22.13 7.92 12.48
N LYS B 238 22.33 8.38 13.71
CA LYS B 238 22.78 9.76 13.92
C LYS B 238 24.24 9.91 13.52
N MET B 239 25.04 8.90 13.82
CA MET B 239 26.45 8.92 13.44
C MET B 239 26.66 9.02 11.94
N ILE B 240 26.00 8.14 11.19
CA ILE B 240 26.30 8.00 9.76
C ILE B 240 25.31 8.70 8.83
N GLY B 241 24.16 9.12 9.35
CA GLY B 241 23.14 9.75 8.52
C GLY B 241 21.97 8.81 8.31
N PRO B 242 20.74 9.30 8.55
CA PRO B 242 19.53 8.47 8.45
C PRO B 242 18.98 8.33 7.03
N THR B 243 19.59 9.01 6.06
CA THR B 243 19.03 9.09 4.71
C THR B 243 19.92 8.48 3.64
N HIS B 244 20.63 7.40 3.97
CA HIS B 244 21.53 6.78 2.99
C HIS B 244 20.95 5.54 2.27
N GLY B 245 19.73 5.15 2.64
CA GLY B 245 19.09 3.99 2.04
C GLY B 245 19.95 2.74 1.89
N GLN B 246 20.05 2.24 0.67
CA GLN B 246 20.78 1.02 0.35
C GLN B 246 22.28 1.15 0.62
N MET B 247 22.73 2.37 0.90
CA MET B 247 24.14 2.62 1.18
C MET B 247 24.41 2.59 2.69
N THR B 248 23.36 2.34 3.47
CA THR B 248 23.49 2.40 4.92
C THR B 248 24.52 1.41 5.49
N VAL B 249 24.39 0.13 5.16
CA VAL B 249 25.35 -0.87 5.66
C VAL B 249 26.80 -0.56 5.29
N THR B 250 27.06 -0.13 4.06
CA THR B 250 28.42 0.28 3.69
C THR B 250 28.92 1.42 4.57
N ARG B 251 28.07 2.43 4.77
CA ARG B 251 28.42 3.52 5.67
C ARG B 251 28.63 3.04 7.11
N LEU B 252 27.78 2.13 7.58
CA LEU B 252 27.99 1.49 8.88
C LEU B 252 29.36 0.81 8.93
N VAL B 253 29.69 0.02 7.90
CA VAL B 253 30.97 -0.66 7.87
C VAL B 253 32.15 0.32 7.93
N ASN B 254 32.02 1.46 7.24
CA ASN B 254 33.09 2.44 7.28
C ASN B 254 33.28 3.05 8.66
N THR B 255 32.18 3.38 9.34
CA THR B 255 32.29 3.98 10.66
C THR B 255 32.98 3.01 11.60
N LEU B 256 32.75 1.71 11.38
CA LEU B 256 33.36 0.68 12.23
C LEU B 256 34.84 0.57 11.92
N LYS B 257 35.17 0.57 10.63
CA LYS B 257 36.56 0.53 10.18
C LYS B 257 37.38 1.69 10.72
N GLU B 258 36.76 2.87 10.76
CA GLU B 258 37.39 4.07 11.30
C GLU B 258 37.61 4.00 12.80
N GLY B 259 36.99 3.02 13.45
CA GLY B 259 37.18 2.82 14.87
C GLY B 259 36.12 3.53 15.71
N LYS B 260 35.08 4.01 15.04
CA LYS B 260 33.98 4.63 15.75
C LYS B 260 33.10 3.54 16.39
N ARG B 261 32.57 3.84 17.57
CA ARG B 261 31.74 2.89 18.29
C ARG B 261 30.68 3.65 19.03
N LEU B 262 29.66 2.92 19.46
CA LEU B 262 28.68 3.48 20.37
C LEU B 262 29.38 4.16 21.53
N PRO B 263 28.87 5.32 21.94
CA PRO B 263 29.41 6.14 23.03
C PRO B 263 29.00 5.58 24.39
N CYS B 264 29.85 5.78 25.39
CA CYS B 264 29.58 5.30 26.72
C CYS B 264 28.25 5.84 27.24
N PRO B 265 27.35 4.94 27.66
CA PRO B 265 26.05 5.39 28.17
C PRO B 265 26.19 6.30 29.38
N PRO B 266 25.29 7.27 29.50
CA PRO B 266 25.27 8.12 30.70
C PRO B 266 25.36 7.26 31.96
N ASN B 267 26.18 7.66 32.93
CA ASN B 267 26.20 6.97 34.21
C ASN B 267 26.68 5.51 34.13
N CYS B 268 27.49 5.22 33.11
CA CYS B 268 28.17 3.96 33.02
C CYS B 268 29.66 4.21 33.21
N PRO B 269 30.23 3.67 34.29
CA PRO B 269 31.63 3.87 34.68
C PRO B 269 32.55 3.40 33.58
N ASP B 270 33.74 3.98 33.51
CA ASP B 270 34.68 3.62 32.46
C ASP B 270 35.11 2.15 32.51
N GLU B 271 35.18 1.60 33.73
CA GLU B 271 35.57 0.21 33.90
C GLU B 271 34.62 -0.70 33.14
N VAL B 272 33.34 -0.34 33.18
CA VAL B 272 32.32 -1.12 32.51
C VAL B 272 32.37 -0.87 31.02
N TYR B 273 32.38 0.40 30.66
CA TYR B 273 32.49 0.79 29.27
C TYR B 273 33.67 0.12 28.59
N GLN B 274 34.77 -0.09 29.31
CA GLN B 274 35.94 -0.73 28.70
C GLN B 274 35.72 -2.23 28.46
N LEU B 275 34.98 -2.90 29.34
CA LEU B 275 34.62 -4.29 29.06
C LEU B 275 33.79 -4.33 27.79
N MET B 276 32.86 -3.39 27.65
CA MET B 276 32.01 -3.32 26.48
C MET B 276 32.88 -3.15 25.22
N ARG B 277 33.79 -2.19 25.27
CA ARG B 277 34.67 -1.94 24.13
C ARG B 277 35.45 -3.17 23.70
N LYS B 278 35.79 -4.05 24.64
CA LYS B 278 36.52 -5.26 24.29
C LYS B 278 35.68 -6.24 23.50
N CYS B 279 34.35 -6.08 23.54
CA CYS B 279 33.45 -6.90 22.70
C CYS B 279 33.49 -6.41 21.26
N TRP B 280 33.99 -5.20 21.05
CA TRP B 280 33.90 -4.52 19.76
C TRP B 280 35.26 -4.33 19.06
N GLU B 281 36.20 -5.22 19.35
CA GLU B 281 37.46 -5.23 18.62
C GLU B 281 37.13 -5.55 17.17
N PHE B 282 37.70 -4.78 16.24
CA PHE B 282 37.35 -4.99 14.84
C PHE B 282 37.62 -6.41 14.39
N GLN B 283 38.71 -7.00 14.88
CA GLN B 283 39.06 -8.38 14.55
C GLN B 283 38.45 -9.35 15.55
N PRO B 284 37.76 -10.39 15.06
CA PRO B 284 37.13 -11.39 15.93
C PRO B 284 38.13 -12.02 16.89
N SER B 285 39.31 -12.39 16.40
CA SER B 285 40.34 -13.03 17.23
C SER B 285 40.81 -12.16 18.42
N ASN B 286 40.59 -10.85 18.35
CA ASN B 286 40.99 -9.95 19.43
C ASN B 286 39.89 -9.58 20.45
N ARG B 287 38.71 -10.15 20.30
CA ARG B 287 37.62 -9.84 21.23
C ARG B 287 37.71 -10.66 22.51
N THR B 288 37.24 -10.09 23.61
CA THR B 288 37.12 -10.84 24.84
C THR B 288 36.23 -12.05 24.59
N SER B 289 36.33 -13.05 25.46
CA SER B 289 35.45 -14.19 25.38
C SER B 289 34.35 -14.01 26.43
N PHE B 290 33.33 -14.86 26.38
CA PHE B 290 32.25 -14.78 27.34
C PHE B 290 32.75 -15.12 28.74
N GLN B 291 33.63 -16.12 28.83
CA GLN B 291 34.25 -16.46 30.10
C GLN B 291 35.01 -15.28 30.70
N ASN B 292 35.77 -14.58 29.86
CA ASN B 292 36.50 -13.44 30.36
C ASN B 292 35.56 -12.29 30.79
N LEU B 293 34.42 -12.14 30.10
CA LEU B 293 33.44 -11.12 30.51
C LEU B 293 32.79 -11.47 31.84
N ILE B 294 32.51 -12.75 32.04
CA ILE B 294 31.97 -13.18 33.33
C ILE B 294 32.94 -12.77 34.45
N GLU B 295 34.22 -13.14 34.30
CA GLU B 295 35.23 -12.80 35.30
C GLU B 295 35.34 -11.29 35.55
N GLY B 296 35.25 -10.49 34.50
CA GLY B 296 35.38 -9.05 34.64
C GLY B 296 34.20 -8.40 35.35
N PHE B 297 32.99 -8.86 35.02
CA PHE B 297 31.83 -8.33 35.71
C PHE B 297 31.89 -8.71 37.17
N GLU B 298 32.20 -9.97 37.46
CA GLU B 298 32.29 -10.43 38.83
C GLU B 298 33.32 -9.65 39.61
N ALA B 299 34.41 -9.24 38.95
CA ALA B 299 35.42 -8.48 39.64
C ALA B 299 34.82 -7.17 40.13
N LEU B 300 34.02 -6.55 39.27
CA LEU B 300 33.37 -5.29 39.60
C LEU B 300 32.26 -5.42 40.65
N LEU B 301 31.68 -6.60 40.77
CA LEU B 301 30.55 -6.80 41.68
C LEU B 301 30.97 -7.09 43.12
N LYS B 302 32.13 -7.73 43.29
CA LYS B 302 32.55 -8.20 44.61
C LYS B 302 33.17 -7.10 45.47
N ASP C 14 -28.95 39.17 -29.32
CA ASP C 14 -27.98 38.16 -28.87
C ASP C 14 -28.41 36.76 -29.26
N PRO C 15 -27.69 36.15 -30.21
CA PRO C 15 -28.07 34.83 -30.76
C PRO C 15 -27.87 33.67 -29.79
N THR C 16 -27.18 33.90 -28.68
CA THR C 16 -27.01 32.83 -27.70
C THR C 16 -28.05 32.92 -26.59
N HIS C 17 -29.00 33.84 -26.74
CA HIS C 17 -30.03 34.00 -25.73
C HIS C 17 -31.35 33.44 -26.21
N PHE C 18 -31.80 32.40 -25.52
CA PHE C 18 -33.01 31.71 -25.90
C PHE C 18 -34.12 32.07 -24.92
N GLU C 19 -35.26 32.52 -25.43
CA GLU C 19 -36.36 32.89 -24.55
C GLU C 19 -37.13 31.66 -24.15
N LYS C 20 -37.26 31.46 -22.85
CA LYS C 20 -37.97 30.32 -22.27
C LYS C 20 -39.30 30.12 -22.98
N ARG C 21 -39.98 31.25 -23.20
CA ARG C 21 -41.32 31.32 -23.78
C ARG C 21 -41.46 30.56 -25.11
N PHE C 22 -40.38 30.50 -25.88
CA PHE C 22 -40.40 29.91 -27.22
C PHE C 22 -39.89 28.47 -27.29
N LEU C 23 -39.47 27.92 -26.15
CA LEU C 23 -39.00 26.54 -26.12
C LEU C 23 -40.17 25.57 -25.96
N LYS C 24 -40.43 24.76 -26.99
CA LYS C 24 -41.51 23.80 -26.92
C LYS C 24 -40.98 22.37 -26.79
N ARG C 25 -41.16 21.79 -25.61
CA ARG C 25 -40.69 20.42 -25.34
C ARG C 25 -41.26 19.41 -26.34
N ILE C 26 -40.39 18.57 -26.88
CA ILE C 26 -40.78 17.51 -27.81
C ILE C 26 -40.67 16.13 -27.14
N ARG C 27 -39.55 15.87 -26.46
CA ARG C 27 -39.42 14.65 -25.65
C ARG C 27 -38.14 14.63 -24.84
N ASP C 28 -38.02 13.65 -23.94
CA ASP C 28 -36.83 13.50 -23.12
C ASP C 28 -35.72 12.76 -23.88
N LEU C 29 -34.48 13.14 -23.63
CA LEU C 29 -33.35 12.53 -24.34
C LEU C 29 -32.45 11.80 -23.35
N GLY C 30 -32.55 12.16 -22.07
CA GLY C 30 -31.77 11.54 -21.02
C GLY C 30 -31.97 12.29 -19.72
N GLU C 31 -32.15 11.54 -18.63
CA GLU C 31 -32.47 12.10 -17.34
C GLU C 31 -31.55 11.56 -16.28
N GLY C 32 -30.62 12.37 -15.82
CA GLY C 32 -29.76 12.00 -14.71
C GLY C 32 -30.47 12.05 -13.36
N HIS C 33 -29.73 12.45 -12.33
CA HIS C 33 -30.30 12.53 -10.99
C HIS C 33 -30.85 13.93 -10.71
N PHE C 34 -30.06 14.94 -11.00
CA PHE C 34 -30.47 16.32 -10.74
C PHE C 34 -30.78 17.10 -12.02
N GLY C 35 -30.41 16.55 -13.16
CA GLY C 35 -30.62 17.22 -14.43
C GLY C 35 -31.24 16.34 -15.48
N LYS C 36 -31.99 16.93 -16.40
CA LYS C 36 -32.45 16.20 -17.58
C LYS C 36 -32.10 16.96 -18.86
N VAL C 37 -32.08 16.24 -19.97
CA VAL C 37 -31.93 16.89 -21.26
C VAL C 37 -33.17 16.59 -22.08
N GLU C 38 -33.75 17.64 -22.68
CA GLU C 38 -34.95 17.49 -23.47
C GLU C 38 -34.72 17.96 -24.89
N LEU C 39 -35.30 17.25 -25.85
CA LEU C 39 -35.38 17.75 -27.21
C LEU C 39 -36.47 18.82 -27.26
N CYS C 40 -36.15 20.00 -27.77
CA CYS C 40 -37.13 21.06 -27.90
C CYS C 40 -37.08 21.71 -29.27
N ARG C 41 -38.17 22.34 -29.68
CA ARG C 41 -38.07 23.24 -30.82
C ARG C 41 -38.03 24.67 -30.29
N TYR C 42 -37.06 25.45 -30.74
CA TYR C 42 -37.04 26.88 -30.42
C TYR C 42 -37.73 27.61 -31.55
N ASP C 43 -38.91 28.13 -31.28
CA ASP C 43 -39.84 28.51 -32.33
C ASP C 43 -40.49 29.87 -32.08
N PRO C 44 -39.70 30.95 -32.15
CA PRO C 44 -40.25 32.29 -31.89
C PRO C 44 -41.36 32.71 -32.86
N GLU C 45 -41.30 32.23 -34.10
CA GLU C 45 -42.32 32.58 -35.10
C GLU C 45 -43.61 31.77 -34.93
N GLY C 46 -43.58 30.76 -34.06
CA GLY C 46 -44.78 30.03 -33.68
C GLY C 46 -45.52 29.25 -34.76
N ASP C 47 -44.85 28.97 -35.88
CA ASP C 47 -45.45 28.21 -36.95
C ASP C 47 -44.73 26.86 -37.15
N ASN C 48 -44.07 26.40 -36.08
CA ASN C 48 -43.26 25.17 -36.13
C ASN C 48 -42.16 25.12 -37.20
N THR C 49 -41.59 26.27 -37.57
CA THR C 49 -40.42 26.28 -38.46
C THR C 49 -39.09 26.52 -37.74
N GLY C 50 -39.12 26.61 -36.41
CA GLY C 50 -37.90 26.88 -35.64
C GLY C 50 -36.98 25.67 -35.56
N GLU C 51 -35.76 25.88 -35.10
CA GLU C 51 -34.81 24.76 -35.05
C GLU C 51 -34.95 23.90 -33.80
N GLN C 52 -34.63 22.62 -33.94
CA GLN C 52 -34.60 21.70 -32.81
C GLN C 52 -33.28 21.82 -32.05
N VAL C 53 -33.35 21.80 -30.72
CA VAL C 53 -32.18 21.98 -29.87
C VAL C 53 -32.29 21.03 -28.69
N ALA C 54 -31.17 20.77 -28.04
CA ALA C 54 -31.17 19.93 -26.87
C ALA C 54 -31.02 20.83 -25.65
N VAL C 55 -31.95 20.70 -24.71
CA VAL C 55 -32.03 21.62 -23.60
C VAL C 55 -31.80 20.88 -22.30
N LYS C 56 -30.74 21.24 -21.59
CA LYS C 56 -30.43 20.65 -20.29
C LYS C 56 -30.85 21.60 -19.20
N SER C 57 -31.68 21.09 -18.28
CA SER C 57 -32.08 21.89 -17.13
C SER C 57 -32.06 21.06 -15.85
N LEU C 58 -32.20 21.71 -14.71
CA LEU C 58 -32.22 21.00 -13.44
C LEU C 58 -33.60 20.46 -13.07
N LYS C 59 -33.61 19.39 -12.30
CA LYS C 59 -34.83 18.90 -11.67
C LYS C 59 -34.84 19.42 -10.23
N PRO C 60 -35.92 20.12 -9.86
CA PRO C 60 -36.04 20.68 -8.51
C PRO C 60 -36.13 19.58 -7.43
N ASN C 65 -30.12 22.43 -4.47
CA ASN C 65 -29.76 23.52 -5.40
C ASN C 65 -28.40 23.31 -6.07
N HIS C 66 -28.41 22.81 -7.30
CA HIS C 66 -27.18 22.61 -8.06
C HIS C 66 -26.99 23.64 -9.17
N ILE C 67 -27.64 24.79 -9.02
CA ILE C 67 -27.54 25.85 -10.01
C ILE C 67 -26.08 26.13 -10.35
N ALA C 68 -25.22 26.11 -9.35
CA ALA C 68 -23.83 26.50 -9.55
C ALA C 68 -23.09 25.50 -10.45
N ASP C 69 -23.51 24.24 -10.38
CA ASP C 69 -22.91 23.20 -11.19
C ASP C 69 -23.26 23.36 -12.66
N LEU C 70 -24.55 23.54 -12.96
CA LEU C 70 -24.95 23.76 -14.33
C LEU C 70 -24.29 25.00 -14.92
N LYS C 71 -24.14 26.05 -14.12
CA LYS C 71 -23.47 27.27 -14.59
C LYS C 71 -22.02 27.01 -14.96
N LYS C 72 -21.39 26.11 -14.23
CA LYS C 72 -19.99 25.82 -14.48
C LYS C 72 -19.85 24.91 -15.70
N GLU C 73 -20.79 23.98 -15.86
CA GLU C 73 -20.82 23.18 -17.07
C GLU C 73 -20.95 24.08 -18.29
N ILE C 74 -21.87 25.05 -18.20
CA ILE C 74 -22.09 26.01 -19.28
C ILE C 74 -20.85 26.82 -19.61
N GLU C 75 -20.18 27.33 -18.58
CA GLU C 75 -18.95 28.08 -18.80
C GLU C 75 -17.86 27.20 -19.42
N ILE C 76 -17.91 25.90 -19.13
CA ILE C 76 -16.87 25.02 -19.63
C ILE C 76 -17.08 24.74 -21.11
N LEU C 77 -18.32 24.40 -21.44
CA LEU C 77 -18.68 24.00 -22.80
C LEU C 77 -18.60 25.17 -23.78
N ARG C 78 -19.12 26.32 -23.35
CA ARG C 78 -19.06 27.57 -24.09
C ARG C 78 -17.72 27.79 -24.75
N ASN C 79 -16.65 27.45 -24.04
CA ASN C 79 -15.29 27.74 -24.47
C ASN C 79 -14.50 26.52 -24.93
N LEU C 80 -15.19 25.40 -25.13
CA LEU C 80 -14.58 24.27 -25.84
C LEU C 80 -14.87 24.41 -27.34
N TYR C 81 -13.83 24.27 -28.16
CA TYR C 81 -13.99 24.30 -29.62
C TYR C 81 -13.30 23.11 -30.27
N HIS C 82 -14.07 22.11 -30.68
CA HIS C 82 -13.50 20.90 -31.26
C HIS C 82 -14.56 20.10 -32.00
N GLU C 83 -14.17 19.53 -33.14
CA GLU C 83 -15.15 18.83 -34.00
C GLU C 83 -15.76 17.60 -33.34
N ASN C 84 -15.06 17.03 -32.36
CA ASN C 84 -15.59 15.92 -31.60
C ASN C 84 -16.12 16.33 -30.23
N ILE C 85 -16.61 17.56 -30.12
CA ILE C 85 -17.25 18.01 -28.88
C ILE C 85 -18.54 18.74 -29.23
N VAL C 86 -19.64 18.32 -28.59
CA VAL C 86 -20.97 18.85 -28.93
C VAL C 86 -20.94 20.37 -28.88
N LYS C 87 -21.68 21.00 -29.78
CA LYS C 87 -21.64 22.47 -29.87
C LYS C 87 -22.59 23.11 -28.90
N TYR C 88 -22.05 23.99 -28.08
CA TYR C 88 -22.85 24.93 -27.31
C TYR C 88 -23.62 25.86 -28.25
N LYS C 89 -24.86 26.17 -27.92
CA LYS C 89 -25.64 27.15 -28.67
C LYS C 89 -26.03 28.37 -27.84
N GLY C 90 -26.22 28.17 -26.54
CA GLY C 90 -26.63 29.29 -25.72
C GLY C 90 -27.31 28.93 -24.42
N ILE C 91 -28.02 29.88 -23.84
CA ILE C 91 -28.67 29.67 -22.56
C ILE C 91 -30.08 30.24 -22.48
N CYS C 92 -30.81 29.79 -21.48
CA CYS C 92 -32.14 30.30 -21.25
C CYS C 92 -32.21 30.70 -19.77
N THR C 93 -32.31 32.01 -19.51
CA THR C 93 -32.33 32.54 -18.15
C THR C 93 -33.74 32.93 -17.72
N GLY C 99 -31.86 30.78 -11.80
CA GLY C 99 -32.38 29.78 -12.73
C GLY C 99 -31.78 29.85 -14.13
N ILE C 100 -31.38 28.70 -14.69
CA ILE C 100 -30.70 28.68 -15.99
C ILE C 100 -30.89 27.35 -16.74
N LYS C 101 -31.01 27.41 -18.08
CA LYS C 101 -30.97 26.22 -18.93
C LYS C 101 -29.83 26.33 -19.94
N LEU C 102 -29.17 25.20 -20.20
CA LEU C 102 -28.13 25.10 -21.22
C LEU C 102 -28.72 24.60 -22.54
N ILE C 103 -28.46 25.34 -23.62
CA ILE C 103 -28.93 24.98 -24.97
C ILE C 103 -27.76 24.44 -25.81
N MET C 104 -27.90 23.20 -26.30
CA MET C 104 -26.89 22.54 -27.14
C MET C 104 -27.50 22.16 -28.48
N GLU C 105 -26.66 21.95 -29.49
CA GLU C 105 -27.16 21.39 -30.74
C GLU C 105 -27.76 20.01 -30.49
N PHE C 106 -28.69 19.65 -31.35
CA PHE C 106 -29.39 18.38 -31.24
C PHE C 106 -28.90 17.52 -32.37
N LEU C 107 -28.36 16.35 -32.03
CA LEU C 107 -27.89 15.37 -33.00
C LEU C 107 -28.93 14.27 -33.10
N PRO C 108 -29.68 14.25 -34.22
CA PRO C 108 -30.84 13.36 -34.36
C PRO C 108 -30.49 11.88 -34.22
N SER C 109 -29.28 11.48 -34.59
CA SER C 109 -28.89 10.08 -34.38
C SER C 109 -28.73 9.65 -32.91
N GLY C 110 -28.72 10.58 -31.97
CA GLY C 110 -28.62 10.24 -30.55
C GLY C 110 -27.23 9.75 -30.11
N SER C 111 -27.15 9.09 -28.98
CA SER C 111 -25.85 8.62 -28.51
C SER C 111 -25.54 7.25 -29.09
N LEU C 112 -24.40 6.70 -28.72
CA LEU C 112 -24.04 5.38 -29.19
C LEU C 112 -25.02 4.34 -28.63
N LYS C 113 -25.60 4.61 -27.48
CA LYS C 113 -26.58 3.70 -26.91
C LYS C 113 -27.85 3.60 -27.79
N GLU C 114 -28.15 4.64 -28.55
CA GLU C 114 -29.27 4.52 -29.47
C GLU C 114 -28.80 4.06 -30.85
N TYR C 115 -27.69 4.62 -31.30
CA TYR C 115 -27.30 4.45 -32.68
C TYR C 115 -26.77 3.05 -33.01
N LEU C 116 -25.98 2.48 -32.10
CA LEU C 116 -25.26 1.24 -32.41
C LEU C 116 -26.18 0.01 -32.55
N PRO C 117 -27.12 -0.18 -31.62
CA PRO C 117 -27.94 -1.39 -31.76
C PRO C 117 -28.78 -1.39 -33.04
N LYS C 118 -29.06 -0.21 -33.59
CA LYS C 118 -29.88 -0.09 -34.78
C LYS C 118 -29.08 -0.10 -36.06
N ASN C 119 -27.76 0.02 -35.95
CA ASN C 119 -26.93 0.17 -37.14
C ASN C 119 -25.77 -0.82 -37.24
N LYS C 120 -25.78 -1.86 -36.41
CA LYS C 120 -24.78 -2.95 -36.47
C LYS C 120 -24.34 -3.27 -37.89
N ASN C 121 -25.31 -3.49 -38.76
CA ASN C 121 -25.05 -3.89 -40.14
C ASN C 121 -24.43 -2.80 -40.99
N LYS C 122 -24.29 -1.60 -40.43
CA LYS C 122 -23.74 -0.47 -41.17
C LYS C 122 -22.32 -0.18 -40.67
N ILE C 123 -22.06 -0.56 -39.43
CA ILE C 123 -20.88 -0.10 -38.70
C ILE C 123 -19.95 -1.27 -38.48
N ASN C 124 -18.81 -1.27 -39.19
CA ASN C 124 -17.83 -2.34 -39.03
C ASN C 124 -16.66 -1.94 -38.16
N LEU C 125 -15.76 -2.90 -37.95
CA LEU C 125 -14.62 -2.69 -37.07
C LEU C 125 -13.91 -1.41 -37.48
N LYS C 126 -13.71 -1.24 -38.78
CA LYS C 126 -12.99 -0.07 -39.27
C LYS C 126 -13.65 1.24 -38.81
N GLN C 127 -14.97 1.31 -38.94
CA GLN C 127 -15.71 2.50 -38.49
C GLN C 127 -15.70 2.66 -36.96
N GLN C 128 -15.78 1.54 -36.25
CA GLN C 128 -15.66 1.55 -34.80
C GLN C 128 -14.31 2.16 -34.39
N LEU C 129 -13.23 1.77 -35.08
CA LEU C 129 -11.91 2.25 -34.69
C LEU C 129 -11.77 3.74 -35.02
N LYS C 130 -12.42 4.17 -36.10
CA LYS C 130 -12.48 5.61 -36.39
C LYS C 130 -13.22 6.39 -35.28
N TYR C 131 -14.36 5.87 -34.83
CA TYR C 131 -15.02 6.49 -33.67
C TYR C 131 -14.06 6.54 -32.49
N ALA C 132 -13.32 5.46 -32.28
CA ALA C 132 -12.47 5.42 -31.11
C ALA C 132 -11.40 6.52 -31.19
N VAL C 133 -10.82 6.72 -32.37
CA VAL C 133 -9.85 7.79 -32.58
C VAL C 133 -10.46 9.15 -32.24
N GLN C 134 -11.64 9.41 -32.79
CA GLN C 134 -12.34 10.68 -32.58
C GLN C 134 -12.67 10.96 -31.11
N ILE C 135 -13.14 9.94 -30.41
CA ILE C 135 -13.34 10.04 -28.97
C ILE C 135 -12.00 10.40 -28.32
N CYS C 136 -10.94 9.70 -28.68
CA CYS C 136 -9.65 9.97 -28.05
C CYS C 136 -9.21 11.40 -28.33
N LYS C 137 -9.46 11.89 -29.55
CA LYS C 137 -9.09 13.27 -29.89
C LYS C 137 -9.91 14.31 -29.11
N GLY C 138 -11.21 14.08 -28.99
CA GLY C 138 -12.04 14.89 -28.12
C GLY C 138 -11.48 14.90 -26.71
N MET C 139 -11.14 13.74 -26.19
CA MET C 139 -10.66 13.66 -24.81
C MET C 139 -9.30 14.31 -24.63
N ASP C 140 -8.40 14.06 -25.57
CA ASP C 140 -7.08 14.67 -25.53
C ASP C 140 -7.17 16.19 -25.55
N TYR C 141 -8.09 16.72 -26.35
CA TYR C 141 -8.30 18.17 -26.34
C TYR C 141 -8.75 18.63 -24.94
N LEU C 142 -9.64 17.84 -24.33
CA LEU C 142 -10.11 18.13 -22.99
C LEU C 142 -8.96 18.20 -21.99
N GLY C 143 -8.11 17.18 -22.05
CA GLY C 143 -6.96 17.08 -21.15
C GLY C 143 -5.99 18.23 -21.28
N SER C 144 -5.89 18.78 -22.50
CA SER C 144 -4.95 19.87 -22.76
C SER C 144 -5.51 21.21 -22.27
N ARG C 145 -6.81 21.24 -21.96
CA ARG C 145 -7.40 22.44 -21.38
C ARG C 145 -7.49 22.19 -19.89
N GLN C 146 -6.73 21.19 -19.42
CA GLN C 146 -6.67 20.84 -18.00
C GLN C 146 -8.00 20.38 -17.38
N TYR C 147 -8.81 19.64 -18.13
CA TYR C 147 -10.06 19.11 -17.59
C TYR C 147 -9.99 17.60 -17.39
N VAL C 148 -10.70 17.11 -16.38
CA VAL C 148 -11.04 15.69 -16.25
C VAL C 148 -12.53 15.56 -16.42
N HIS C 149 -12.96 14.69 -17.32
CA HIS C 149 -14.37 14.59 -17.70
C HIS C 149 -15.19 13.84 -16.67
N ARG C 150 -14.67 12.69 -16.25
CA ARG C 150 -15.21 11.93 -15.12
C ARG C 150 -16.48 11.10 -15.41
N ASP C 151 -16.92 11.09 -16.66
CA ASP C 151 -18.20 10.46 -16.95
C ASP C 151 -18.23 9.98 -18.38
N LEU C 152 -17.07 9.53 -18.86
CA LEU C 152 -16.97 9.11 -20.24
C LEU C 152 -17.57 7.73 -20.33
N ALA C 153 -18.64 7.62 -21.10
CA ALA C 153 -19.34 6.36 -21.28
C ALA C 153 -20.06 6.50 -22.59
N ALA C 154 -20.46 5.37 -23.17
CA ALA C 154 -21.08 5.38 -24.49
C ALA C 154 -22.30 6.31 -24.56
N ARG C 155 -23.16 6.29 -23.54
CA ARG C 155 -24.34 7.16 -23.49
CA ARG C 155 -24.34 7.17 -23.53
C ARG C 155 -23.97 8.65 -23.67
N ASN C 156 -22.74 9.01 -23.34
CA ASN C 156 -22.30 10.39 -23.49
C ASN C 156 -21.53 10.67 -24.79
N VAL C 157 -21.57 9.71 -25.71
CA VAL C 157 -20.98 9.90 -27.01
C VAL C 157 -22.06 10.02 -28.07
N LEU C 158 -22.21 11.22 -28.63
CA LEU C 158 -23.22 11.47 -29.66
C LEU C 158 -22.73 11.10 -31.06
N VAL C 159 -23.66 10.62 -31.88
CA VAL C 159 -23.35 10.35 -33.28
C VAL C 159 -23.80 11.52 -34.16
N GLU C 160 -22.83 12.19 -34.76
CA GLU C 160 -23.09 13.33 -35.64
C GLU C 160 -23.43 12.86 -37.08
N SER C 161 -22.83 11.76 -37.49
CA SER C 161 -23.09 11.14 -38.78
C SER C 161 -22.47 9.78 -38.69
N GLU C 162 -22.61 8.99 -39.75
CA GLU C 162 -22.01 7.67 -39.81
C GLU C 162 -20.51 7.74 -39.60
N HIS C 163 -19.91 8.89 -39.91
CA HIS C 163 -18.46 9.05 -39.88
C HIS C 163 -17.90 9.96 -38.78
N GLN C 164 -18.76 10.41 -37.86
CA GLN C 164 -18.31 11.38 -36.84
C GLN C 164 -19.08 11.29 -35.51
N VAL C 165 -18.34 11.25 -34.41
CA VAL C 165 -18.95 11.26 -33.08
C VAL C 165 -18.47 12.49 -32.32
N LYS C 166 -19.22 12.89 -31.29
CA LYS C 166 -18.82 14.00 -30.42
C LYS C 166 -19.13 13.66 -28.97
N ILE C 167 -18.27 14.13 -28.06
CA ILE C 167 -18.55 13.96 -26.63
C ILE C 167 -19.69 14.92 -26.30
N GLY C 168 -20.76 14.40 -25.70
CA GLY C 168 -22.01 15.14 -25.66
C GLY C 168 -22.60 15.55 -24.31
N ASP C 169 -21.83 15.35 -23.25
CA ASP C 169 -22.24 15.85 -21.93
C ASP C 169 -21.00 16.21 -21.12
N PHE C 170 -21.16 17.13 -20.18
CA PHE C 170 -20.05 17.59 -19.36
C PHE C 170 -20.44 17.83 -17.92
N GLY C 171 -21.49 17.14 -17.47
CA GLY C 171 -22.04 17.39 -16.15
C GLY C 171 -21.09 17.17 -14.99
N LEU C 172 -19.99 16.43 -15.21
CA LEU C 172 -19.08 16.12 -14.11
C LEU C 172 -17.69 16.67 -14.37
N THR C 173 -17.52 17.36 -15.48
CA THR C 173 -16.18 17.77 -15.87
C THR C 173 -15.61 18.70 -14.82
N LYS C 174 -14.35 18.50 -14.45
CA LYS C 174 -13.71 19.32 -13.44
C LYS C 174 -12.37 19.77 -13.98
N ALA C 175 -11.91 20.92 -13.50
CA ALA C 175 -10.61 21.43 -13.86
C ALA C 175 -9.57 20.91 -12.87
N ILE C 176 -8.46 20.41 -13.39
CA ILE C 176 -7.33 19.99 -12.57
C ILE C 176 -6.51 21.23 -12.25
N GLU C 177 -6.35 21.53 -10.97
CA GLU C 177 -5.52 22.65 -10.53
C GLU C 177 -4.12 22.63 -11.19
N THR C 178 -3.66 23.79 -11.66
CA THR C 178 -2.32 23.91 -12.24
C THR C 178 -1.27 23.34 -11.27
N ASP C 179 -0.24 22.72 -11.83
CA ASP C 179 0.83 22.12 -11.04
C ASP C 179 0.38 20.91 -10.20
N LYS C 180 -0.89 20.53 -10.32
CA LYS C 180 -1.39 19.32 -9.65
C LYS C 180 -1.85 18.26 -10.65
N GLU C 181 -1.88 17.02 -10.21
CA GLU C 181 -2.08 15.87 -11.09
C GLU C 181 -3.50 15.34 -11.10
N PTR C 182 -4.32 15.80 -10.16
CA PTR C 182 -5.65 15.25 -10.03
C PTR C 182 -6.56 16.16 -9.24
O PTR C 182 -6.10 16.96 -8.42
CB PTR C 182 -5.55 13.90 -9.33
CG PTR C 182 -5.10 13.95 -7.88
CD1 PTR C 182 -3.76 13.78 -7.54
CD2 PTR C 182 -6.02 14.15 -6.86
CE1 PTR C 182 -3.36 13.82 -6.21
CE2 PTR C 182 -5.63 14.18 -5.53
CZ PTR C 182 -4.29 14.02 -5.21
OH PTR C 182 -4.00 14.06 -4.00
P PTR C 182 -2.68 14.70 -3.33
O1P PTR C 182 -2.42 13.92 -2.09
O2P PTR C 182 -2.96 16.17 -3.00
O3P PTR C 182 -1.43 14.60 -4.23
N PTR C 183 -7.85 16.04 -9.51
CA PTR C 183 -8.84 16.75 -8.74
C PTR C 183 -9.43 15.75 -7.76
O PTR C 183 -9.55 14.58 -8.10
CB PTR C 183 -9.92 17.26 -9.69
CG PTR C 183 -11.15 17.84 -9.02
CD1 PTR C 183 -12.21 17.02 -8.68
CD2 PTR C 183 -11.25 19.21 -8.76
CE1 PTR C 183 -13.34 17.54 -8.07
CE2 PTR C 183 -12.39 19.73 -8.15
CZ PTR C 183 -13.43 18.90 -7.81
OH PTR C 183 -14.48 19.30 -7.26
P PTR C 183 -14.80 20.82 -6.78
O1P PTR C 183 -14.89 21.70 -7.97
O2P PTR C 183 -13.69 21.30 -5.84
O3P PTR C 183 -16.16 20.81 -6.06
N THR C 184 -9.77 16.18 -6.56
CA THR C 184 -10.47 15.27 -5.65
C THR C 184 -11.93 15.70 -5.44
N VAL C 185 -12.83 14.72 -5.53
CA VAL C 185 -14.27 14.99 -5.48
C VAL C 185 -14.86 14.68 -4.12
N LYS C 186 -15.72 15.57 -3.63
CA LYS C 186 -16.42 15.37 -2.38
C LYS C 186 -17.81 14.78 -2.63
N ASP C 187 -18.51 15.31 -3.63
CA ASP C 187 -19.87 14.88 -3.94
C ASP C 187 -19.83 13.73 -4.94
N ASP C 188 -19.95 12.52 -4.41
CA ASP C 188 -19.69 11.30 -5.18
C ASP C 188 -20.86 10.31 -5.17
N ARG C 189 -22.00 10.72 -4.64
CA ARG C 189 -23.06 9.75 -4.38
C ARG C 189 -23.54 9.02 -5.63
N ASP C 190 -23.41 9.65 -6.79
CA ASP C 190 -24.00 9.08 -8.00
C ASP C 190 -22.98 8.72 -9.07
N SER C 191 -21.77 8.37 -8.66
CA SER C 191 -20.74 7.94 -9.58
C SER C 191 -21.15 6.73 -10.44
N PRO C 192 -20.68 6.70 -11.70
CA PRO C 192 -20.82 5.53 -12.58
C PRO C 192 -19.64 4.59 -12.30
N VAL C 193 -19.76 3.90 -11.16
CA VAL C 193 -18.67 3.13 -10.61
C VAL C 193 -18.14 2.07 -11.57
N PHE C 194 -19.00 1.52 -12.42
CA PHE C 194 -18.52 0.48 -13.34
C PHE C 194 -17.66 1.04 -14.47
N TRP C 195 -17.53 2.36 -14.52
CA TRP C 195 -16.66 3.02 -15.49
C TRP C 195 -15.41 3.65 -14.83
N TYR C 196 -15.28 3.46 -13.51
CA TYR C 196 -14.28 4.22 -12.73
C TYR C 196 -13.02 3.44 -12.44
N ALA C 197 -11.87 4.09 -12.60
CA ALA C 197 -10.57 3.50 -12.27
C ALA C 197 -10.41 3.41 -10.75
N PRO C 198 -9.55 2.49 -10.26
CA PRO C 198 -9.44 2.19 -8.83
C PRO C 198 -9.15 3.42 -7.97
N GLU C 199 -8.28 4.32 -8.42
CA GLU C 199 -8.01 5.54 -7.65
C GLU C 199 -9.30 6.31 -7.38
N CYS C 200 -10.24 6.25 -8.32
CA CYS C 200 -11.51 6.95 -8.18
C CYS C 200 -12.42 6.29 -7.15
N LEU C 201 -12.47 4.96 -7.17
CA LEU C 201 -13.33 4.19 -6.30
C LEU C 201 -12.79 4.22 -4.88
N MET C 202 -11.47 4.16 -4.78
CA MET C 202 -10.81 4.04 -3.50
C MET C 202 -10.62 5.40 -2.81
N GLN C 203 -10.38 6.45 -3.59
CA GLN C 203 -10.04 7.73 -2.97
C GLN C 203 -10.68 8.97 -3.58
N SER C 204 -11.49 8.80 -4.62
CA SER C 204 -12.17 9.93 -5.24
C SER C 204 -11.15 10.91 -5.80
N LYS C 205 -10.06 10.36 -6.33
CA LYS C 205 -9.04 11.16 -6.98
C LYS C 205 -9.15 10.91 -8.47
N PHE C 206 -9.14 11.98 -9.26
CA PHE C 206 -9.37 11.86 -10.70
C PHE C 206 -8.26 12.48 -11.47
N TYR C 207 -7.53 11.62 -12.17
CA TYR C 207 -6.44 12.03 -13.03
C TYR C 207 -6.92 11.97 -14.47
N ILE C 208 -6.17 12.57 -15.38
CA ILE C 208 -6.40 12.32 -16.79
C ILE C 208 -6.33 10.82 -17.06
N ALA C 209 -5.39 10.13 -16.42
CA ALA C 209 -5.28 8.68 -16.59
C ALA C 209 -6.55 7.96 -16.19
N SER C 210 -7.33 8.55 -15.29
CA SER C 210 -8.64 8.00 -14.93
C SER C 210 -9.59 8.08 -16.11
N ASP C 211 -9.52 9.17 -16.87
CA ASP C 211 -10.37 9.30 -18.05
C ASP C 211 -9.97 8.24 -19.07
N VAL C 212 -8.67 7.95 -19.15
CA VAL C 212 -8.21 6.87 -20.02
C VAL C 212 -8.85 5.52 -19.65
N TRP C 213 -8.91 5.20 -18.35
CA TRP C 213 -9.62 3.99 -17.87
C TRP C 213 -11.06 3.98 -18.35
N SER C 214 -11.76 5.10 -18.17
CA SER C 214 -13.14 5.17 -18.62
C SER C 214 -13.26 4.99 -20.13
N PHE C 215 -12.32 5.56 -20.88
CA PHE C 215 -12.35 5.32 -22.31
C PHE C 215 -12.23 3.83 -22.66
N GLY C 216 -11.36 3.12 -21.94
CA GLY C 216 -11.25 1.69 -22.09
C GLY C 216 -12.62 1.04 -21.98
N VAL C 217 -13.39 1.43 -20.97
CA VAL C 217 -14.72 0.87 -20.79
C VAL C 217 -15.66 1.30 -21.92
N THR C 218 -15.56 2.57 -22.31
CA THR C 218 -16.38 3.08 -23.41
C THR C 218 -16.05 2.35 -24.71
N LEU C 219 -14.77 2.07 -24.95
CA LEU C 219 -14.37 1.30 -26.13
C LEU C 219 -15.02 -0.09 -26.13
N HIS C 220 -15.00 -0.73 -24.96
CA HIS C 220 -15.69 -2.00 -24.80
C HIS C 220 -17.17 -1.92 -25.18
N GLU C 221 -17.87 -0.89 -24.69
CA GLU C 221 -19.29 -0.74 -25.06
C GLU C 221 -19.44 -0.61 -26.57
N LEU C 222 -18.56 0.20 -27.16
CA LEU C 222 -18.61 0.46 -28.58
C LEU C 222 -18.46 -0.86 -29.32
N LEU C 223 -17.52 -1.70 -28.87
CA LEU C 223 -17.26 -3.00 -29.50
C LEU C 223 -18.38 -4.00 -29.30
N THR C 224 -19.22 -3.79 -28.29
CA THR C 224 -20.37 -4.68 -28.10
C THR C 224 -21.62 -4.00 -28.60
N TYR C 225 -21.44 -2.88 -29.29
CA TYR C 225 -22.58 -2.19 -29.87
C TYR C 225 -23.61 -1.75 -28.81
N CYS C 226 -23.15 -1.45 -27.61
CA CYS C 226 -24.05 -0.98 -26.56
C CYS C 226 -25.21 -1.93 -26.28
N ASP C 227 -25.01 -3.24 -26.47
CA ASP C 227 -26.07 -4.17 -26.09
C ASP C 227 -26.22 -4.26 -24.58
N SER C 228 -27.43 -4.08 -24.10
CA SER C 228 -27.66 -4.01 -22.65
C SER C 228 -27.05 -5.20 -21.91
N ASP C 229 -27.23 -6.40 -22.44
CA ASP C 229 -26.77 -7.62 -21.78
C ASP C 229 -25.24 -7.71 -21.70
N SER C 230 -24.57 -6.87 -22.48
CA SER C 230 -23.11 -6.87 -22.52
C SER C 230 -22.53 -5.60 -21.87
N SER C 231 -23.38 -4.82 -21.20
CA SER C 231 -22.95 -3.56 -20.65
C SER C 231 -21.92 -3.80 -19.56
N PRO C 232 -21.06 -2.80 -19.32
CA PRO C 232 -20.07 -2.96 -18.25
C PRO C 232 -20.74 -3.25 -16.92
N MET C 233 -21.91 -2.67 -16.66
CA MET C 233 -22.60 -2.94 -15.41
C MET C 233 -23.08 -4.40 -15.33
N ALA C 234 -23.78 -4.87 -16.36
CA ALA C 234 -24.20 -6.27 -16.40
C ALA C 234 -23.02 -7.24 -16.26
N LEU C 235 -21.93 -6.98 -16.99
CA LEU C 235 -20.79 -7.90 -16.96
C LEU C 235 -20.09 -7.92 -15.61
N PHE C 236 -19.96 -6.74 -15.00
CA PHE C 236 -19.27 -6.65 -13.72
C PHE C 236 -20.13 -7.24 -12.61
N LEU C 237 -21.43 -6.97 -12.63
CA LEU C 237 -22.33 -7.51 -11.63
C LEU C 237 -22.32 -9.04 -11.69
N LYS C 238 -22.32 -9.59 -12.90
CA LYS C 238 -22.21 -11.04 -13.05
C LYS C 238 -20.87 -11.55 -12.51
N MET C 239 -19.83 -10.74 -12.64
CA MET C 239 -18.49 -11.08 -12.19
C MET C 239 -18.33 -11.09 -10.67
N ILE C 240 -19.08 -10.22 -10.00
CA ILE C 240 -18.88 -10.04 -8.56
C ILE C 240 -20.08 -10.47 -7.72
N GLY C 241 -21.23 -10.64 -8.36
CA GLY C 241 -22.47 -10.92 -7.65
C GLY C 241 -23.38 -9.72 -7.82
N PRO C 242 -24.65 -9.96 -8.19
CA PRO C 242 -25.61 -8.87 -8.36
C PRO C 242 -26.37 -8.48 -7.09
N THR C 243 -26.01 -9.04 -5.94
CA THR C 243 -26.78 -8.79 -4.71
C THR C 243 -25.95 -8.42 -3.47
N HIS C 244 -24.96 -7.54 -3.63
CA HIS C 244 -24.10 -7.14 -2.52
C HIS C 244 -24.41 -5.75 -1.96
N GLY C 245 -25.49 -5.14 -2.43
CA GLY C 245 -25.89 -3.80 -2.02
C GLY C 245 -24.70 -2.88 -1.84
N GLN C 246 -24.66 -2.19 -0.70
CA GLN C 246 -23.60 -1.23 -0.41
C GLN C 246 -22.19 -1.82 -0.34
N MET C 247 -22.06 -3.13 -0.49
CA MET C 247 -20.73 -3.74 -0.51
C MET C 247 -20.23 -3.88 -1.96
N THR C 248 -21.10 -3.57 -2.92
CA THR C 248 -20.76 -3.66 -4.35
C THR C 248 -19.43 -3.00 -4.71
N VAL C 249 -19.28 -1.72 -4.37
CA VAL C 249 -18.07 -0.99 -4.71
C VAL C 249 -16.81 -1.66 -4.16
N THR C 250 -16.86 -2.11 -2.90
CA THR C 250 -15.69 -2.79 -2.32
C THR C 250 -15.41 -4.13 -3.02
N ARG C 251 -16.49 -4.86 -3.32
CA ARG C 251 -16.38 -6.08 -4.11
C ARG C 251 -15.72 -5.76 -5.44
N LEU C 252 -16.16 -4.67 -6.05
CA LEU C 252 -15.62 -4.24 -7.33
C LEU C 252 -14.15 -3.89 -7.20
N VAL C 253 -13.78 -3.08 -6.21
CA VAL C 253 -12.37 -2.77 -5.98
C VAL C 253 -11.51 -4.04 -5.88
N ASN C 254 -12.02 -5.01 -5.12
CA ASN C 254 -11.32 -6.29 -4.96
C ASN C 254 -11.12 -7.03 -6.25
N THR C 255 -12.20 -7.12 -7.04
CA THR C 255 -12.12 -7.77 -8.35
C THR C 255 -10.99 -7.17 -9.18
N LEU C 256 -10.87 -5.84 -9.17
CA LEU C 256 -9.84 -5.15 -9.98
C LEU C 256 -8.44 -5.38 -9.43
N LYS C 257 -8.33 -5.39 -8.11
CA LYS C 257 -7.07 -5.71 -7.45
C LYS C 257 -6.59 -7.11 -7.83
N GLU C 258 -7.52 -8.05 -7.93
CA GLU C 258 -7.19 -9.41 -8.35
C GLU C 258 -6.84 -9.43 -9.83
N GLY C 259 -6.94 -8.28 -10.47
CA GLY C 259 -6.55 -8.13 -11.87
C GLY C 259 -7.56 -8.66 -12.86
N LYS C 260 -8.79 -8.89 -12.41
CA LYS C 260 -9.84 -9.28 -13.32
C LYS C 260 -10.29 -8.03 -14.10
N ARG C 261 -10.67 -8.21 -15.35
CA ARG C 261 -11.12 -7.09 -16.19
C ARG C 261 -12.24 -7.58 -17.08
N LEU C 262 -12.91 -6.66 -17.74
CA LEU C 262 -13.95 -7.02 -18.71
C LEU C 262 -13.36 -7.93 -19.78
N PRO C 263 -14.11 -8.96 -20.19
CA PRO C 263 -13.60 -9.88 -21.20
C PRO C 263 -13.63 -9.27 -22.59
N CYS C 264 -12.87 -9.85 -23.51
CA CYS C 264 -12.81 -9.40 -24.88
C CYS C 264 -14.14 -9.62 -25.58
N PRO C 265 -14.70 -8.56 -26.17
CA PRO C 265 -15.96 -8.61 -26.91
C PRO C 265 -15.89 -9.59 -28.07
N PRO C 266 -17.01 -10.25 -28.38
CA PRO C 266 -16.99 -11.16 -29.51
C PRO C 266 -16.49 -10.43 -30.74
N ASN C 267 -15.75 -11.12 -31.61
CA ASN C 267 -15.29 -10.53 -32.85
C ASN C 267 -14.28 -9.36 -32.70
N CYS C 268 -13.88 -9.04 -31.47
CA CYS C 268 -12.81 -8.06 -31.28
C CYS C 268 -11.45 -8.76 -31.30
N PRO C 269 -10.58 -8.38 -32.23
CA PRO C 269 -9.28 -9.04 -32.43
C PRO C 269 -8.38 -8.74 -31.26
N ASP C 270 -7.52 -9.68 -30.90
CA ASP C 270 -6.65 -9.48 -29.76
C ASP C 270 -5.89 -8.15 -29.81
N GLU C 271 -5.46 -7.73 -31.00
CA GLU C 271 -4.65 -6.50 -31.05
C GLU C 271 -5.44 -5.28 -30.55
N VAL C 272 -6.73 -5.25 -30.83
CA VAL C 272 -7.56 -4.18 -30.32
C VAL C 272 -7.77 -4.34 -28.82
N TYR C 273 -8.05 -5.57 -28.39
CA TYR C 273 -8.23 -5.85 -26.98
C TYR C 273 -7.02 -5.46 -26.14
N GLN C 274 -5.82 -5.58 -26.70
CA GLN C 274 -4.62 -5.23 -25.94
C GLN C 274 -4.49 -3.72 -25.71
N LEU C 275 -4.99 -2.92 -26.65
CA LEU C 275 -5.03 -1.48 -26.44
C LEU C 275 -6.00 -1.14 -25.32
N MET C 276 -7.09 -1.88 -25.27
CA MET C 276 -8.10 -1.68 -24.24
C MET C 276 -7.48 -2.03 -22.89
N ARG C 277 -6.82 -3.18 -22.82
CA ARG C 277 -6.16 -3.60 -21.57
C ARG C 277 -5.16 -2.55 -21.04
N LYS C 278 -4.44 -1.87 -21.93
CA LYS C 278 -3.55 -0.79 -21.48
C LYS C 278 -4.29 0.36 -20.79
N CYS C 279 -5.59 0.49 -21.04
CA CYS C 279 -6.38 1.54 -20.41
C CYS C 279 -6.67 1.15 -18.96
N TRP C 280 -6.43 -0.13 -18.65
CA TRP C 280 -6.84 -0.65 -17.36
C TRP C 280 -5.72 -1.14 -16.46
N GLU C 281 -4.50 -0.67 -16.69
CA GLU C 281 -3.44 -0.89 -15.72
C GLU C 281 -3.91 -0.32 -14.40
N PHE C 282 -3.61 -1.04 -13.33
CA PHE C 282 -4.11 -0.67 -12.01
C PHE C 282 -3.59 0.69 -11.58
N GLN C 283 -2.27 0.91 -11.73
CA GLN C 283 -1.66 2.19 -11.41
C GLN C 283 -1.86 3.17 -12.55
N PRO C 284 -2.44 4.34 -12.25
CA PRO C 284 -2.66 5.36 -13.29
C PRO C 284 -1.41 5.60 -14.12
N SER C 285 -0.25 5.65 -13.47
CA SER C 285 0.98 6.00 -14.17
C SER C 285 1.41 4.93 -15.16
N ASN C 286 0.83 3.74 -15.07
CA ASN C 286 1.15 2.66 -16.01
C ASN C 286 0.26 2.62 -17.26
N ARG C 287 -0.82 3.38 -17.24
CA ARG C 287 -1.77 3.35 -18.34
C ARG C 287 -1.23 3.99 -19.60
N THR C 288 -1.77 3.59 -20.75
CA THR C 288 -1.46 4.29 -21.99
C THR C 288 -2.02 5.74 -21.91
N SER C 289 -1.62 6.58 -22.85
CA SER C 289 -2.13 7.95 -22.96
C SER C 289 -3.18 8.03 -24.07
N PHE C 290 -3.90 9.14 -24.18
CA PHE C 290 -4.83 9.26 -25.29
C PHE C 290 -4.09 9.36 -26.61
N GLN C 291 -2.91 9.98 -26.60
CA GLN C 291 -2.14 10.11 -27.84
C GLN C 291 -1.54 8.77 -28.30
N ASN C 292 -1.17 7.93 -27.35
CA ASN C 292 -0.74 6.57 -27.67
C ASN C 292 -1.86 5.75 -28.29
N LEU C 293 -3.07 5.88 -27.73
CA LEU C 293 -4.23 5.18 -28.26
C LEU C 293 -4.49 5.60 -29.70
N ILE C 294 -4.46 6.90 -29.94
CA ILE C 294 -4.68 7.42 -31.30
C ILE C 294 -3.67 6.80 -32.27
N GLU C 295 -2.41 6.76 -31.87
CA GLU C 295 -1.37 6.21 -32.74
C GLU C 295 -1.57 4.71 -32.95
N GLY C 296 -1.96 4.01 -31.89
CA GLY C 296 -2.30 2.60 -31.97
C GLY C 296 -3.44 2.32 -32.94
N PHE C 297 -4.58 3.02 -32.79
CA PHE C 297 -5.73 2.78 -33.66
C PHE C 297 -5.39 3.08 -35.13
N GLU C 298 -4.70 4.18 -35.34
CA GLU C 298 -4.29 4.58 -36.67
C GLU C 298 -3.42 3.50 -37.34
N ALA C 299 -2.54 2.86 -36.56
CA ALA C 299 -1.76 1.75 -37.08
C ALA C 299 -2.69 0.59 -37.49
N LEU C 300 -3.70 0.31 -36.68
CA LEU C 300 -4.65 -0.75 -37.03
C LEU C 300 -5.54 -0.42 -38.23
N LEU C 301 -5.62 0.85 -38.61
CA LEU C 301 -6.51 1.26 -39.70
C LEU C 301 -5.85 1.29 -41.09
N LYS C 302 -4.53 1.44 -41.14
CA LYS C 302 -3.85 1.58 -42.42
C LYS C 302 -3.43 0.23 -43.00
N VAL D 13 -44.24 -36.30 26.11
CA VAL D 13 -44.18 -34.86 26.37
C VAL D 13 -42.79 -34.28 26.16
N ASP D 14 -42.62 -33.56 25.05
CA ASP D 14 -41.35 -32.87 24.78
C ASP D 14 -41.50 -31.39 25.16
N PRO D 15 -40.80 -30.97 26.22
CA PRO D 15 -40.96 -29.59 26.72
C PRO D 15 -40.29 -28.58 25.81
N THR D 16 -39.69 -29.08 24.73
CA THR D 16 -38.97 -28.25 23.77
C THR D 16 -39.85 -27.99 22.55
N HIS D 17 -40.97 -28.69 22.48
CA HIS D 17 -41.86 -28.53 21.34
C HIS D 17 -43.04 -27.65 21.71
N PHE D 18 -43.14 -26.50 21.04
CA PHE D 18 -44.23 -25.57 21.27
C PHE D 18 -45.23 -25.67 20.12
N GLU D 19 -46.52 -25.72 20.42
CA GLU D 19 -47.51 -25.80 19.35
C GLU D 19 -47.92 -24.42 18.92
N LYS D 20 -47.96 -24.22 17.60
CA LYS D 20 -48.25 -22.92 17.01
C LYS D 20 -49.56 -22.34 17.52
N ARG D 21 -50.57 -23.21 17.61
CA ARG D 21 -51.91 -22.82 18.00
C ARG D 21 -52.00 -22.18 19.39
N PHE D 22 -51.01 -22.45 20.24
CA PHE D 22 -51.01 -21.89 21.59
C PHE D 22 -50.12 -20.66 21.74
N LEU D 23 -49.51 -20.23 20.64
CA LEU D 23 -48.51 -19.18 20.66
C LEU D 23 -49.14 -17.83 20.33
N LYS D 24 -49.49 -17.07 21.35
CA LYS D 24 -50.18 -15.79 21.12
C LYS D 24 -49.21 -14.65 20.88
N ARG D 25 -49.30 -14.05 19.69
CA ARG D 25 -48.46 -12.93 19.29
C ARG D 25 -48.85 -11.65 20.03
N ILE D 26 -47.89 -10.99 20.65
CA ILE D 26 -48.17 -9.72 21.31
C ILE D 26 -47.58 -8.52 20.56
N ARG D 27 -46.26 -8.49 20.42
CA ARG D 27 -45.61 -7.40 19.66
C ARG D 27 -44.21 -7.77 19.17
N ASP D 28 -43.75 -7.04 18.16
CA ASP D 28 -42.42 -7.23 17.59
C ASP D 28 -41.37 -6.75 18.58
N LEU D 29 -40.22 -7.44 18.60
CA LEU D 29 -39.11 -7.06 19.48
C LEU D 29 -37.94 -6.51 18.62
N GLY D 30 -37.96 -6.82 17.34
CA GLY D 30 -37.02 -6.24 16.41
C GLY D 30 -36.87 -7.17 15.21
N GLU D 31 -36.14 -6.73 14.19
CA GLU D 31 -35.87 -7.59 13.04
C GLU D 31 -34.53 -7.28 12.39
N GLY D 32 -34.25 -7.99 11.30
CA GLY D 32 -33.01 -7.84 10.55
C GLY D 32 -33.19 -8.28 9.11
N HIS D 33 -34.21 -7.72 8.46
CA HIS D 33 -34.52 -7.97 7.05
C HIS D 33 -35.08 -9.35 6.71
N PHE D 34 -34.42 -10.41 7.17
CA PHE D 34 -34.89 -11.77 6.88
C PHE D 34 -35.60 -12.45 8.07
N GLY D 35 -35.19 -12.10 9.29
CA GLY D 35 -35.84 -12.62 10.47
C GLY D 35 -36.61 -11.57 11.28
N LYS D 36 -37.58 -12.01 12.07
CA LYS D 36 -38.26 -11.14 13.02
C LYS D 36 -38.41 -11.87 14.36
N VAL D 37 -38.25 -11.13 15.46
CA VAL D 37 -38.50 -11.72 16.76
C VAL D 37 -39.75 -11.04 17.32
N GLU D 38 -40.66 -11.84 17.85
CA GLU D 38 -41.88 -11.31 18.44
C GLU D 38 -42.04 -11.80 19.87
N LEU D 39 -42.56 -10.91 20.72
CA LEU D 39 -42.97 -11.28 22.06
C LEU D 39 -44.25 -12.07 21.91
N CYS D 40 -44.28 -13.28 22.45
CA CYS D 40 -45.46 -14.11 22.45
C CYS D 40 -45.78 -14.63 23.84
N ARG D 41 -47.03 -15.02 24.06
CA ARG D 41 -47.38 -15.74 25.27
C ARG D 41 -47.74 -17.15 24.85
N TYR D 42 -47.06 -18.15 25.41
CA TYR D 42 -47.44 -19.54 25.17
C TYR D 42 -48.47 -19.90 26.22
N ASP D 43 -49.73 -20.01 25.79
CA ASP D 43 -50.86 -20.03 26.70
C ASP D 43 -51.77 -21.23 26.45
N PRO D 44 -51.27 -22.45 26.75
CA PRO D 44 -52.02 -23.69 26.47
C PRO D 44 -53.32 -23.73 27.28
N GLU D 45 -53.35 -23.04 28.42
CA GLU D 45 -54.53 -23.06 29.28
C GLU D 45 -55.52 -21.97 28.85
N GLY D 46 -55.12 -21.14 27.89
CA GLY D 46 -56.01 -20.16 27.30
C GLY D 46 -56.48 -19.04 28.21
N ASP D 47 -55.86 -18.91 29.38
CA ASP D 47 -56.31 -17.90 30.34
C ASP D 47 -55.27 -16.83 30.61
N ASN D 48 -54.28 -16.71 29.72
CA ASN D 48 -53.21 -15.74 29.89
C ASN D 48 -52.37 -15.92 31.15
N THR D 49 -52.17 -17.17 31.56
CA THR D 49 -51.28 -17.43 32.68
C THR D 49 -49.94 -17.97 32.16
N GLY D 50 -49.93 -18.40 30.90
CA GLY D 50 -48.73 -18.96 30.29
C GLY D 50 -47.55 -18.00 30.26
N GLU D 51 -46.38 -18.56 30.02
CA GLU D 51 -45.15 -17.77 29.99
C GLU D 51 -44.99 -16.98 28.69
N GLN D 52 -44.44 -15.78 28.81
CA GLN D 52 -44.05 -15.00 27.64
C GLN D 52 -42.74 -15.57 27.11
N VAL D 53 -42.58 -15.60 25.79
CA VAL D 53 -41.36 -16.08 25.18
C VAL D 53 -40.99 -15.19 23.99
N ALA D 54 -39.75 -15.30 23.53
CA ALA D 54 -39.34 -14.57 22.33
C ALA D 54 -39.24 -15.56 21.18
N VAL D 55 -39.96 -15.28 20.11
CA VAL D 55 -40.00 -16.21 18.98
C VAL D 55 -39.48 -15.60 17.69
N LYS D 56 -38.45 -16.24 17.15
CA LYS D 56 -37.84 -15.76 15.92
C LYS D 56 -38.37 -16.63 14.81
N SER D 57 -38.82 -16.00 13.74
CA SER D 57 -39.28 -16.75 12.58
C SER D 57 -38.94 -15.96 11.35
N LEU D 58 -39.19 -16.54 10.18
CA LEU D 58 -38.74 -15.93 8.93
C LEU D 58 -39.69 -14.85 8.46
N LYS D 59 -39.15 -13.91 7.68
CA LYS D 59 -39.94 -12.92 6.97
C LYS D 59 -40.10 -13.36 5.52
N PRO D 60 -41.31 -13.22 4.96
CA PRO D 60 -41.61 -13.60 3.58
C PRO D 60 -40.99 -12.65 2.56
N ASN D 65 -33.96 -18.48 -0.40
CA ASN D 65 -34.71 -18.64 0.85
C ASN D 65 -33.86 -19.18 2.01
N HIS D 66 -34.26 -18.83 3.23
CA HIS D 66 -33.34 -18.86 4.36
C HIS D 66 -33.71 -19.81 5.50
N ILE D 67 -34.63 -20.73 5.28
CA ILE D 67 -35.00 -21.64 6.36
C ILE D 67 -33.77 -22.30 6.95
N ALA D 68 -32.76 -22.54 6.10
CA ALA D 68 -31.59 -23.29 6.55
C ALA D 68 -30.72 -22.47 7.48
N ASP D 69 -30.73 -21.17 7.30
CA ASP D 69 -29.95 -20.29 8.16
C ASP D 69 -30.51 -20.30 9.56
N LEU D 70 -31.84 -20.27 9.65
CA LEU D 70 -32.53 -20.32 10.92
C LEU D 70 -32.29 -21.65 11.63
N LYS D 71 -32.38 -22.76 10.88
CA LYS D 71 -32.18 -24.08 11.46
C LYS D 71 -30.77 -24.22 12.00
N LYS D 72 -29.82 -23.56 11.34
CA LYS D 72 -28.45 -23.57 11.79
C LYS D 72 -28.32 -22.72 13.07
N GLU D 73 -29.03 -21.61 13.09
CA GLU D 73 -28.99 -20.74 14.28
C GLU D 73 -29.51 -21.51 15.49
N ILE D 74 -30.58 -22.26 15.28
CA ILE D 74 -31.17 -23.05 16.36
C ILE D 74 -30.20 -24.09 16.87
N GLU D 75 -29.55 -24.83 15.96
CA GLU D 75 -28.59 -25.87 16.36
C GLU D 75 -27.43 -25.23 17.09
N ILE D 76 -27.05 -24.03 16.66
CA ILE D 76 -25.97 -23.33 17.35
C ILE D 76 -26.41 -22.99 18.76
N LEU D 77 -27.58 -22.36 18.90
CA LEU D 77 -28.03 -21.83 20.20
C LEU D 77 -28.40 -22.92 21.20
N ARG D 78 -29.13 -23.92 20.72
CA ARG D 78 -29.54 -25.10 21.49
C ARG D 78 -28.37 -25.72 22.24
N ASN D 79 -27.17 -25.62 21.66
CA ASN D 79 -25.98 -26.19 22.29
C ASN D 79 -25.05 -25.24 23.00
N LEU D 80 -25.39 -23.96 23.10
CA LEU D 80 -24.59 -23.03 23.91
C LEU D 80 -25.08 -23.00 25.35
N TYR D 81 -24.18 -23.12 26.31
CA TYR D 81 -24.56 -23.08 27.71
C TYR D 81 -23.67 -22.14 28.49
N HIS D 82 -24.17 -20.94 28.73
CA HIS D 82 -23.40 -19.92 29.41
C HIS D 82 -24.36 -18.92 29.99
N GLU D 83 -24.07 -18.43 31.18
CA GLU D 83 -24.98 -17.50 31.85
C GLU D 83 -25.14 -16.16 31.12
N ASN D 84 -24.17 -15.80 30.29
CA ASN D 84 -24.26 -14.56 29.50
C ASN D 84 -24.71 -14.82 28.06
N ILE D 85 -25.48 -15.88 27.88
CA ILE D 85 -26.03 -16.22 26.57
C ILE D 85 -27.49 -16.58 26.73
N VAL D 86 -28.33 -15.89 25.96
CA VAL D 86 -29.78 -16.05 26.06
C VAL D 86 -30.15 -17.53 25.91
N LYS D 87 -31.18 -17.94 26.65
CA LYS D 87 -31.53 -19.35 26.71
C LYS D 87 -32.44 -19.82 25.60
N TYR D 88 -32.01 -20.87 24.92
CA TYR D 88 -32.86 -21.65 24.04
C TYR D 88 -33.96 -22.31 24.86
N LYS D 89 -35.21 -22.22 24.40
CA LYS D 89 -36.33 -22.91 25.04
C LYS D 89 -36.88 -24.06 24.20
N GLY D 90 -36.86 -23.90 22.89
CA GLY D 90 -37.44 -24.88 21.99
C GLY D 90 -37.68 -24.40 20.58
N ILE D 91 -38.52 -25.13 19.87
CA ILE D 91 -38.86 -24.78 18.50
C ILE D 91 -40.35 -24.97 18.32
N CYS D 92 -40.86 -24.38 17.25
CA CYS D 92 -42.25 -24.56 16.87
C CYS D 92 -42.30 -25.00 15.41
N THR D 93 -42.96 -26.13 15.16
CA THR D 93 -43.14 -26.61 13.78
C THR D 93 -44.61 -26.81 13.44
N ASN D 98 -42.82 -28.20 7.47
CA ASN D 98 -41.81 -27.65 6.57
C ASN D 98 -41.12 -26.38 7.12
N GLY D 99 -41.87 -25.58 7.88
CA GLY D 99 -41.34 -24.35 8.45
C GLY D 99 -40.99 -24.47 9.92
N ILE D 100 -40.26 -23.50 10.45
CA ILE D 100 -39.75 -23.61 11.81
C ILE D 100 -39.52 -22.24 12.48
N LYS D 101 -39.81 -22.16 13.78
CA LYS D 101 -39.57 -20.95 14.56
C LYS D 101 -38.68 -21.28 15.75
N LEU D 102 -37.72 -20.40 16.04
CA LEU D 102 -36.90 -20.53 17.23
C LEU D 102 -37.59 -19.91 18.48
N ILE D 103 -37.65 -20.66 19.59
CA ILE D 103 -38.26 -20.16 20.82
C ILE D 103 -37.16 -19.88 21.86
N MET D 104 -37.07 -18.62 22.26
CA MET D 104 -36.09 -18.19 23.24
C MET D 104 -36.79 -17.68 24.48
N GLU D 105 -36.07 -17.62 25.60
CA GLU D 105 -36.59 -16.93 26.76
C GLU D 105 -36.79 -15.44 26.43
N PHE D 106 -37.76 -14.83 27.09
CA PHE D 106 -37.99 -13.41 26.94
C PHE D 106 -37.48 -12.68 28.20
N LEU D 107 -36.69 -11.64 27.97
CA LEU D 107 -36.14 -10.80 29.03
C LEU D 107 -36.90 -9.45 29.02
N PRO D 108 -37.81 -9.28 29.97
CA PRO D 108 -38.68 -8.09 30.00
C PRO D 108 -37.92 -6.76 29.94
N SER D 109 -36.72 -6.67 30.49
CA SER D 109 -35.98 -5.40 30.41
C SER D 109 -35.46 -5.10 29.00
N GLY D 110 -35.66 -5.99 28.04
CA GLY D 110 -35.25 -5.74 26.66
C GLY D 110 -33.74 -5.71 26.38
N SER D 111 -33.34 -5.09 25.27
CA SER D 111 -31.91 -4.91 25.00
C SER D 111 -31.36 -3.66 25.67
N LEU D 112 -30.04 -3.45 25.55
CA LEU D 112 -29.40 -2.25 26.09
C LEU D 112 -29.97 -1.00 25.42
N LYS D 113 -30.43 -1.13 24.18
CA LYS D 113 -31.07 -0.01 23.48
C LYS D 113 -32.29 0.46 24.26
N GLU D 114 -33.04 -0.49 24.83
CA GLU D 114 -34.24 -0.14 25.58
C GLU D 114 -33.90 0.25 27.01
N TYR D 115 -32.96 -0.46 27.61
CA TYR D 115 -32.77 -0.38 29.03
C TYR D 115 -31.91 0.80 29.45
N LEU D 116 -30.86 1.09 28.69
CA LEU D 116 -29.92 2.12 29.11
C LEU D 116 -30.53 3.53 29.13
N PRO D 117 -31.25 3.91 28.06
CA PRO D 117 -31.87 5.23 28.08
C PRO D 117 -32.79 5.42 29.29
N LYS D 118 -33.41 4.34 29.75
CA LYS D 118 -34.39 4.47 30.84
C LYS D 118 -33.79 4.33 32.23
N ASN D 119 -32.52 3.91 32.32
CA ASN D 119 -31.99 3.55 33.62
C ASN D 119 -30.65 4.18 33.96
N LYS D 120 -30.32 5.26 33.25
CA LYS D 120 -29.09 6.01 33.50
C LYS D 120 -28.80 6.22 34.98
N ASN D 121 -29.81 6.69 35.71
CA ASN D 121 -29.63 7.06 37.12
C ASN D 121 -29.40 5.86 38.03
N LYS D 122 -29.63 4.67 37.49
CA LYS D 122 -29.43 3.43 38.23
C LYS D 122 -28.11 2.79 37.81
N ILE D 123 -27.63 3.11 36.60
CA ILE D 123 -26.47 2.43 36.02
C ILE D 123 -25.23 3.31 35.96
N ASN D 124 -24.31 3.10 36.89
CA ASN D 124 -23.06 3.86 36.92
C ASN D 124 -21.92 3.11 36.21
N LEU D 125 -20.74 3.72 36.20
CA LEU D 125 -19.61 3.17 35.47
C LEU D 125 -19.25 1.76 35.94
N LYS D 126 -19.26 1.56 37.25
CA LYS D 126 -18.94 0.25 37.80
C LYS D 126 -19.87 -0.84 37.20
N GLN D 127 -21.17 -0.57 37.19
CA GLN D 127 -22.14 -1.50 36.60
C GLN D 127 -21.86 -1.68 35.09
N GLN D 128 -21.54 -0.59 34.42
CA GLN D 128 -21.18 -0.65 33.01
C GLN D 128 -19.99 -1.55 32.78
N LEU D 129 -19.00 -1.51 33.67
CA LEU D 129 -17.82 -2.31 33.44
C LEU D 129 -18.13 -3.77 33.71
N LYS D 130 -19.03 -4.01 34.67
CA LYS D 130 -19.49 -5.38 34.93
C LYS D 130 -20.21 -5.97 33.71
N TYR D 131 -21.06 -5.17 33.05
CA TYR D 131 -21.71 -5.63 31.82
C TYR D 131 -20.67 -5.96 30.75
N ALA D 132 -19.64 -5.13 30.66
CA ALA D 132 -18.62 -5.31 29.64
C ALA D 132 -17.89 -6.62 29.86
N VAL D 133 -17.54 -6.90 31.12
CA VAL D 133 -16.91 -8.17 31.52
C VAL D 133 -17.78 -9.36 31.11
N GLN D 134 -19.08 -9.23 31.35
CA GLN D 134 -20.01 -10.31 31.02
C GLN D 134 -20.17 -10.53 29.52
N ILE D 135 -20.17 -9.45 28.75
CA ILE D 135 -20.29 -9.60 27.33
C ILE D 135 -19.04 -10.32 26.83
N CYS D 136 -17.89 -9.93 27.38
CA CYS D 136 -16.61 -10.50 26.98
C CYS D 136 -16.57 -12.00 27.31
N LYS D 137 -17.13 -12.39 28.46
CA LYS D 137 -17.14 -13.80 28.84
C LYS D 137 -18.06 -14.59 27.92
N GLY D 138 -19.20 -14.02 27.59
CA GLY D 138 -20.08 -14.65 26.61
C GLY D 138 -19.39 -14.84 25.27
N MET D 139 -18.64 -13.83 24.84
CA MET D 139 -17.96 -13.90 23.55
C MET D 139 -16.76 -14.85 23.63
N ASP D 140 -16.03 -14.79 24.73
CA ASP D 140 -14.92 -15.72 24.95
C ASP D 140 -15.41 -17.17 24.85
N TYR D 141 -16.52 -17.43 25.49
CA TYR D 141 -17.11 -18.75 25.46
C TYR D 141 -17.45 -19.13 24.01
N LEU D 142 -18.04 -18.20 23.27
CA LEU D 142 -18.43 -18.47 21.89
C LEU D 142 -17.18 -18.71 21.02
N GLY D 143 -16.14 -17.92 21.25
CA GLY D 143 -14.90 -18.01 20.51
C GLY D 143 -14.18 -19.32 20.75
N SER D 144 -14.28 -19.84 21.96
CA SER D 144 -13.68 -21.13 22.30
C SER D 144 -14.41 -22.29 21.61
N ARG D 145 -15.62 -22.03 21.13
CA ARG D 145 -16.39 -23.04 20.40
C ARG D 145 -16.21 -22.86 18.89
N GLN D 146 -15.20 -22.10 18.50
CA GLN D 146 -14.89 -21.90 17.08
C GLN D 146 -16.00 -21.16 16.33
N TYR D 147 -16.65 -20.21 16.99
CA TYR D 147 -17.69 -19.40 16.35
C TYR D 147 -17.26 -17.94 16.22
N VAL D 148 -17.64 -17.30 15.11
CA VAL D 148 -17.61 -15.84 15.01
C VAL D 148 -19.05 -15.33 14.95
N HIS D 149 -19.33 -14.27 15.70
CA HIS D 149 -20.69 -13.83 15.90
C HIS D 149 -21.17 -12.90 14.78
N ARG D 150 -20.30 -11.97 14.38
CA ARG D 150 -20.52 -11.14 13.20
C ARG D 150 -21.66 -10.12 13.36
N ASP D 151 -22.19 -9.98 14.55
CA ASP D 151 -23.28 -9.03 14.70
C ASP D 151 -23.33 -8.44 16.11
N LEU D 152 -22.16 -8.32 16.75
CA LEU D 152 -22.12 -7.88 18.14
C LEU D 152 -22.35 -6.36 18.23
N ALA D 153 -23.48 -5.97 18.84
CA ALA D 153 -23.89 -4.58 18.94
C ALA D 153 -24.86 -4.49 20.11
N ALA D 154 -25.00 -3.29 20.67
CA ALA D 154 -25.79 -3.12 21.89
C ALA D 154 -27.21 -3.68 21.77
N ARG D 155 -27.79 -3.60 20.58
CA ARG D 155 -29.14 -4.12 20.41
C ARG D 155 -29.21 -5.63 20.54
N ASN D 156 -28.04 -6.31 20.47
CA ASN D 156 -28.04 -7.76 20.62
C ASN D 156 -27.62 -8.19 22.00
N VAL D 157 -27.46 -7.22 22.89
CA VAL D 157 -27.12 -7.51 24.28
C VAL D 157 -28.36 -7.30 25.15
N LEU D 158 -28.86 -8.39 25.73
CA LEU D 158 -30.06 -8.38 26.55
C LEU D 158 -29.76 -8.13 28.03
N VAL D 159 -30.69 -7.45 28.69
CA VAL D 159 -30.58 -7.17 30.10
C VAL D 159 -31.43 -8.16 30.90
N GLU D 160 -30.78 -9.05 31.64
CA GLU D 160 -31.49 -10.05 32.46
C GLU D 160 -31.91 -9.42 33.79
N SER D 161 -31.08 -8.50 34.28
CA SER D 161 -31.36 -7.76 35.50
C SER D 161 -30.35 -6.63 35.57
N GLU D 162 -30.54 -5.73 36.52
CA GLU D 162 -29.61 -4.62 36.70
C GLU D 162 -28.18 -5.14 36.89
N HIS D 163 -28.06 -6.42 37.24
CA HIS D 163 -26.77 -7.02 37.52
C HIS D 163 -26.24 -7.99 36.46
N GLN D 164 -27.01 -8.22 35.38
CA GLN D 164 -26.64 -9.26 34.41
C GLN D 164 -27.13 -8.99 32.98
N VAL D 165 -26.25 -9.21 32.01
CA VAL D 165 -26.61 -9.18 30.59
C VAL D 165 -26.31 -10.52 29.90
N LYS D 166 -26.89 -10.68 28.71
CA LYS D 166 -26.72 -11.87 27.88
C LYS D 166 -26.75 -11.49 26.42
N ILE D 167 -25.85 -12.08 25.63
CA ILE D 167 -25.90 -11.92 24.18
C ILE D 167 -27.16 -12.61 23.69
N GLY D 168 -27.96 -11.91 22.89
CA GLY D 168 -29.33 -12.34 22.70
C GLY D 168 -29.82 -12.59 21.29
N ASP D 169 -28.91 -12.74 20.34
CA ASP D 169 -29.27 -13.11 18.97
C ASP D 169 -28.02 -13.72 18.33
N PHE D 170 -28.21 -14.69 17.45
CA PHE D 170 -27.06 -15.38 16.85
C PHE D 170 -27.31 -15.59 15.35
N GLY D 171 -28.04 -14.64 14.75
CA GLY D 171 -28.49 -14.79 13.37
C GLY D 171 -27.43 -14.77 12.29
N LEU D 172 -26.25 -14.23 12.58
CA LEU D 172 -25.15 -14.23 11.62
C LEU D 172 -24.03 -15.15 12.08
N THR D 173 -24.19 -15.79 13.22
CA THR D 173 -23.10 -16.57 13.79
C THR D 173 -22.64 -17.69 12.84
N LYS D 174 -21.33 -17.76 12.62
CA LYS D 174 -20.72 -18.72 11.69
C LYS D 174 -19.63 -19.49 12.39
N ALA D 175 -19.50 -20.77 12.04
CA ALA D 175 -18.44 -21.62 12.56
C ALA D 175 -17.21 -21.34 11.73
N ILE D 176 -16.07 -21.25 12.39
CA ILE D 176 -14.79 -21.13 11.71
C ILE D 176 -14.28 -22.54 11.40
N GLU D 177 -14.22 -22.89 10.12
CA GLU D 177 -13.60 -24.13 9.69
C GLU D 177 -12.26 -24.38 10.43
N THR D 178 -12.10 -25.56 11.02
CA THR D 178 -10.85 -25.91 11.72
C THR D 178 -9.69 -25.84 10.73
N ASP D 179 -8.52 -25.47 11.23
CA ASP D 179 -7.36 -25.27 10.37
C ASP D 179 -7.65 -24.13 9.39
N LYS D 180 -8.38 -23.14 9.89
CA LYS D 180 -8.64 -21.88 9.21
C LYS D 180 -8.95 -20.83 10.26
N GLU D 181 -8.52 -19.61 10.04
CA GLU D 181 -8.64 -18.58 11.06
C GLU D 181 -9.82 -17.64 10.83
N PTR D 182 -10.58 -17.86 9.77
CA PTR D 182 -11.63 -16.92 9.46
C PTR D 182 -12.72 -17.57 8.66
O PTR D 182 -12.52 -18.63 8.09
CB PTR D 182 -11.05 -15.75 8.66
CG PTR D 182 -10.51 -16.09 7.29
CD1 PTR D 182 -9.15 -16.07 7.02
CD2 PTR D 182 -11.37 -16.42 6.25
CE1 PTR D 182 -8.65 -16.38 5.76
CE2 PTR D 182 -10.89 -16.73 4.99
CZ PTR D 182 -9.53 -16.72 4.74
OH PTR D 182 -9.15 -17.00 3.60
P PTR D 182 -7.66 -17.50 3.18
O1P PTR D 182 -7.60 -17.53 1.70
O2P PTR D 182 -7.42 -18.92 3.73
O3P PTR D 182 -6.58 -16.55 3.73
N PTR D 183 -13.89 -16.94 8.64
CA PTR D 183 -14.98 -17.36 7.77
C PTR D 183 -15.08 -16.35 6.63
O PTR D 183 -14.95 -15.14 6.84
CB PTR D 183 -16.29 -17.51 8.54
CG PTR D 183 -17.50 -17.80 7.67
CD1 PTR D 183 -18.30 -16.76 7.22
CD2 PTR D 183 -17.86 -19.09 7.32
CE1 PTR D 183 -19.40 -16.99 6.43
CE2 PTR D 183 -18.97 -19.35 6.52
CZ PTR D 183 -19.74 -18.28 6.08
OH PTR D 183 -20.76 -18.41 5.37
P PTR D 183 -21.33 -19.81 4.78
O1P PTR D 183 -21.51 -20.78 5.89
O2P PTR D 183 -20.32 -20.39 3.77
O3P PTR D 183 -22.68 -19.50 4.10
N THR D 184 -15.31 -16.84 5.43
CA THR D 184 -15.40 -15.97 4.28
C THR D 184 -16.86 -15.68 3.95
N VAL D 185 -17.24 -14.41 4.07
CA VAL D 185 -18.64 -14.03 3.91
C VAL D 185 -19.05 -13.97 2.43
N LYS D 186 -20.18 -14.59 2.13
CA LYS D 186 -20.75 -14.52 0.79
C LYS D 186 -21.91 -13.52 0.76
N ASP D 187 -22.87 -13.67 1.66
CA ASP D 187 -23.96 -12.71 1.73
C ASP D 187 -23.59 -11.58 2.70
N ASP D 188 -23.49 -10.36 2.16
CA ASP D 188 -23.01 -9.22 2.94
C ASP D 188 -23.84 -7.95 2.70
N ARG D 189 -24.99 -8.09 2.04
CA ARG D 189 -25.79 -6.94 1.64
C ARG D 189 -26.30 -6.13 2.83
N ASP D 190 -26.57 -6.82 3.94
CA ASP D 190 -27.11 -6.17 5.13
C ASP D 190 -26.11 -6.06 6.28
N SER D 191 -24.81 -6.03 5.96
CA SER D 191 -23.79 -5.92 6.99
C SER D 191 -23.95 -4.65 7.83
N PRO D 192 -23.77 -4.76 9.16
CA PRO D 192 -23.77 -3.56 10.01
C PRO D 192 -22.38 -2.92 9.94
N VAL D 193 -22.12 -2.28 8.81
CA VAL D 193 -20.79 -1.78 8.50
C VAL D 193 -20.17 -0.90 9.57
N PHE D 194 -21.00 -0.17 10.32
CA PHE D 194 -20.44 0.76 11.32
C PHE D 194 -19.97 0.07 12.61
N TRP D 195 -20.21 -1.24 12.69
CA TRP D 195 -19.63 -2.06 13.76
C TRP D 195 -18.51 -2.99 13.23
N TYR D 196 -18.18 -2.89 11.94
CA TYR D 196 -17.26 -3.87 11.32
C TYR D 196 -15.77 -3.48 11.24
N ALA D 197 -14.89 -4.43 11.55
CA ALA D 197 -13.46 -4.21 11.36
C ALA D 197 -13.12 -4.06 9.88
N PRO D 198 -12.01 -3.37 9.57
CA PRO D 198 -11.58 -3.13 8.20
C PRO D 198 -11.50 -4.41 7.33
N GLU D 199 -10.94 -5.49 7.88
CA GLU D 199 -10.83 -6.73 7.11
C GLU D 199 -12.20 -7.28 6.68
N CYS D 200 -13.24 -6.98 7.46
CA CYS D 200 -14.59 -7.38 7.09
C CYS D 200 -15.16 -6.47 6.02
N LEU D 201 -14.82 -5.19 6.08
CA LEU D 201 -15.31 -4.23 5.11
C LEU D 201 -14.57 -4.42 3.79
N MET D 202 -13.27 -4.67 3.89
CA MET D 202 -12.45 -4.77 2.69
C MET D 202 -12.47 -6.13 1.98
N GLN D 203 -12.10 -7.19 2.71
CA GLN D 203 -11.99 -8.50 2.08
C GLN D 203 -13.03 -9.54 2.53
N SER D 204 -14.00 -9.12 3.33
CA SER D 204 -15.09 -10.02 3.71
C SER D 204 -14.62 -11.26 4.47
N LYS D 205 -13.47 -11.18 5.14
CA LYS D 205 -13.05 -12.25 6.04
C LYS D 205 -13.32 -11.89 7.49
N PHE D 206 -13.89 -12.84 8.23
CA PHE D 206 -14.30 -12.58 9.60
C PHE D 206 -13.53 -13.44 10.59
N TYR D 207 -12.65 -12.80 11.36
CA TYR D 207 -11.86 -13.46 12.38
C TYR D 207 -12.47 -13.19 13.73
N ILE D 208 -12.05 -13.95 14.72
CA ILE D 208 -12.47 -13.70 16.09
C ILE D 208 -12.08 -12.28 16.46
N ALA D 209 -10.89 -11.87 16.05
CA ALA D 209 -10.44 -10.51 16.23
C ALA D 209 -11.41 -9.48 15.60
N SER D 210 -12.24 -9.90 14.66
CA SER D 210 -13.19 -8.97 14.08
C SER D 210 -14.34 -8.74 15.06
N ASP D 211 -14.67 -9.80 15.79
CA ASP D 211 -15.69 -9.74 16.85
C ASP D 211 -15.22 -8.83 17.97
N VAL D 212 -13.92 -8.88 18.28
CA VAL D 212 -13.33 -7.97 19.26
C VAL D 212 -13.50 -6.48 18.86
N TRP D 213 -13.34 -6.18 17.58
CA TRP D 213 -13.57 -4.83 17.06
C TRP D 213 -14.99 -4.37 17.38
N SER D 214 -15.95 -5.19 16.99
CA SER D 214 -17.37 -4.90 17.22
C SER D 214 -17.65 -4.76 18.71
N PHE D 215 -16.96 -5.55 19.54
CA PHE D 215 -17.11 -5.35 20.97
C PHE D 215 -16.70 -3.94 21.38
N GLY D 216 -15.60 -3.45 20.79
CA GLY D 216 -15.19 -2.08 21.02
C GLY D 216 -16.31 -1.11 20.68
N VAL D 217 -16.96 -1.33 19.55
CA VAL D 217 -18.07 -0.45 19.20
C VAL D 217 -19.21 -0.61 20.23
N THR D 218 -19.51 -1.86 20.58
CA THR D 218 -20.58 -2.14 21.52
C THR D 218 -20.32 -1.45 22.88
N LEU D 219 -19.07 -1.52 23.34
CA LEU D 219 -18.67 -0.83 24.56
C LEU D 219 -18.87 0.69 24.45
N HIS D 220 -18.60 1.24 23.27
CA HIS D 220 -18.84 2.67 23.06
C HIS D 220 -20.32 2.98 23.28
N GLU D 221 -21.18 2.20 22.64
CA GLU D 221 -22.62 2.33 22.89
C GLU D 221 -22.97 2.24 24.38
N LEU D 222 -22.40 1.27 25.08
CA LEU D 222 -22.75 1.04 26.48
C LEU D 222 -22.47 2.31 27.28
N LEU D 223 -21.28 2.87 27.02
CA LEU D 223 -20.82 4.08 27.69
C LEU D 223 -21.58 5.36 27.33
N THR D 224 -22.27 5.36 26.19
CA THR D 224 -23.13 6.48 25.81
C THR D 224 -24.59 6.16 26.08
N TYR D 225 -24.85 5.11 26.86
CA TYR D 225 -26.20 4.68 27.24
C TYR D 225 -27.12 4.49 26.04
N CYS D 226 -26.52 4.07 24.93
CA CYS D 226 -27.28 3.83 23.71
C CYS D 226 -28.10 5.03 23.23
N ASP D 227 -27.62 6.23 23.46
CA ASP D 227 -28.39 7.37 22.97
C ASP D 227 -28.29 7.51 21.46
N SER D 228 -29.42 7.75 20.80
CA SER D 228 -29.48 7.82 19.35
C SER D 228 -28.43 8.78 18.77
N ASP D 229 -28.31 9.96 19.38
CA ASP D 229 -27.43 10.96 18.78
C ASP D 229 -25.95 10.64 18.98
N SER D 230 -25.67 9.58 19.71
CA SER D 230 -24.29 9.17 19.94
C SER D 230 -24.02 7.79 19.34
N SER D 231 -24.96 7.29 18.57
CA SER D 231 -24.81 5.96 18.01
C SER D 231 -23.67 5.93 17.01
N PRO D 232 -23.02 4.77 16.88
CA PRO D 232 -21.91 4.62 15.94
C PRO D 232 -22.29 5.01 14.52
N MET D 233 -23.50 4.68 14.09
CA MET D 233 -23.91 5.10 12.76
C MET D 233 -23.91 6.62 12.67
N ALA D 234 -24.58 7.29 13.60
CA ALA D 234 -24.70 8.74 13.53
C ALA D 234 -23.33 9.43 13.63
N LEU D 235 -22.47 8.90 14.50
CA LEU D 235 -21.18 9.52 14.72
C LEU D 235 -20.26 9.32 13.54
N PHE D 236 -20.21 8.10 13.00
CA PHE D 236 -19.44 7.89 11.78
C PHE D 236 -19.99 8.72 10.63
N LEU D 237 -21.32 8.77 10.50
CA LEU D 237 -21.94 9.46 9.36
C LEU D 237 -21.69 10.96 9.42
N LYS D 238 -21.28 11.45 10.59
CA LYS D 238 -20.87 12.85 10.73
C LYS D 238 -19.40 12.98 10.40
N MET D 239 -18.62 11.93 10.67
CA MET D 239 -17.19 11.98 10.39
C MET D 239 -16.91 11.95 8.91
N ILE D 240 -17.72 11.18 8.16
CA ILE D 240 -17.38 10.93 6.75
C ILE D 240 -18.34 11.60 5.76
N GLY D 241 -19.43 12.15 6.26
CA GLY D 241 -20.47 12.69 5.39
C GLY D 241 -21.59 11.68 5.26
N PRO D 242 -22.85 12.14 5.38
CA PRO D 242 -24.04 11.29 5.32
C PRO D 242 -24.66 11.17 3.93
N THR D 243 -24.06 11.79 2.92
CA THR D 243 -24.67 11.80 1.59
C THR D 243 -23.82 11.13 0.51
N HIS D 244 -23.07 10.10 0.89
CA HIS D 244 -22.20 9.43 -0.07
C HIS D 244 -22.77 8.15 -0.71
N GLY D 245 -24.02 7.81 -0.40
CA GLY D 245 -24.66 6.62 -0.95
C GLY D 245 -23.79 5.37 -0.99
N GLN D 246 -23.63 4.80 -2.18
CA GLN D 246 -22.88 3.56 -2.40
C GLN D 246 -21.40 3.67 -2.07
N MET D 247 -20.91 4.89 -1.87
CA MET D 247 -19.50 5.13 -1.57
C MET D 247 -19.20 5.15 -0.06
N THR D 248 -20.25 4.98 0.74
CA THR D 248 -20.16 5.10 2.18
C THR D 248 -19.12 4.16 2.77
N VAL D 249 -19.21 2.88 2.41
CA VAL D 249 -18.27 1.89 2.91
C VAL D 249 -16.82 2.19 2.53
N THR D 250 -16.58 2.53 1.27
CA THR D 250 -15.23 2.93 0.89
C THR D 250 -14.78 4.11 1.74
N ARG D 251 -15.63 5.11 1.90
CA ARG D 251 -15.26 6.28 2.69
C ARG D 251 -15.09 5.95 4.18
N LEU D 252 -15.84 4.96 4.65
CA LEU D 252 -15.68 4.51 6.03
C LEU D 252 -14.29 3.89 6.16
N VAL D 253 -13.94 3.05 5.18
CA VAL D 253 -12.64 2.39 5.17
C VAL D 253 -11.48 3.39 5.17
N ASN D 254 -11.56 4.42 4.34
CA ASN D 254 -10.48 5.41 4.29
C ASN D 254 -10.30 6.11 5.62
N THR D 255 -11.41 6.41 6.27
CA THR D 255 -11.36 7.11 7.55
C THR D 255 -10.67 6.24 8.59
N LEU D 256 -10.95 4.94 8.55
CA LEU D 256 -10.32 4.00 9.49
C LEU D 256 -8.84 3.91 9.18
N LYS D 257 -8.54 3.86 7.88
CA LYS D 257 -7.17 3.83 7.39
C LYS D 257 -6.38 5.06 7.84
N GLU D 258 -7.05 6.22 7.86
CA GLU D 258 -6.43 7.48 8.33
C GLU D 258 -6.26 7.47 9.85
N GLY D 259 -6.80 6.46 10.51
CA GLY D 259 -6.60 6.30 11.93
C GLY D 259 -7.65 7.00 12.77
N LYS D 260 -8.68 7.51 12.12
CA LYS D 260 -9.78 8.12 12.84
C LYS D 260 -10.60 7.03 13.58
N ARG D 261 -11.14 7.38 14.74
CA ARG D 261 -11.98 6.47 15.51
C ARG D 261 -13.07 7.25 16.21
N LEU D 262 -14.07 6.53 16.70
CA LEU D 262 -15.10 7.11 17.53
C LEU D 262 -14.42 7.77 18.72
N PRO D 263 -14.93 8.93 19.14
CA PRO D 263 -14.27 9.71 20.18
C PRO D 263 -14.62 9.20 21.57
N CYS D 264 -13.78 9.47 22.56
CA CYS D 264 -14.10 9.13 23.93
C CYS D 264 -15.51 9.58 24.32
N PRO D 265 -16.32 8.68 24.90
CA PRO D 265 -17.63 9.14 25.37
C PRO D 265 -17.50 10.06 26.59
N PRO D 266 -18.46 10.96 26.78
CA PRO D 266 -18.40 11.83 27.96
C PRO D 266 -18.31 10.99 29.23
N ASN D 267 -17.52 11.45 30.19
CA ASN D 267 -17.40 10.79 31.49
C ASN D 267 -16.69 9.43 31.44
N CYS D 268 -16.26 9.00 30.27
CA CYS D 268 -15.50 7.76 30.21
C CYS D 268 -14.03 7.99 30.54
N PRO D 269 -13.52 7.32 31.58
CA PRO D 269 -12.12 7.47 32.03
C PRO D 269 -11.15 7.04 30.96
N ASP D 270 -10.01 7.70 30.86
CA ASP D 270 -9.10 7.38 29.77
C ASP D 270 -8.62 5.92 29.77
N GLU D 271 -8.46 5.34 30.95
CA GLU D 271 -8.04 3.94 31.02
C GLU D 271 -9.08 3.02 30.37
N VAL D 272 -10.35 3.37 30.49
CA VAL D 272 -11.40 2.63 29.83
C VAL D 272 -11.40 2.91 28.33
N TYR D 273 -11.12 4.16 27.95
CA TYR D 273 -11.09 4.51 26.55
C TYR D 273 -9.94 3.81 25.86
N GLN D 274 -8.84 3.60 26.58
CA GLN D 274 -7.68 2.91 26.02
C GLN D 274 -7.91 1.42 25.74
N LEU D 275 -8.67 0.75 26.60
CA LEU D 275 -9.07 -0.63 26.32
C LEU D 275 -9.90 -0.66 25.04
N MET D 276 -10.84 0.28 24.95
CA MET D 276 -11.69 0.37 23.77
C MET D 276 -10.85 0.56 22.50
N ARG D 277 -9.87 1.46 22.57
CA ARG D 277 -9.00 1.71 21.43
C ARG D 277 -8.24 0.45 21.01
N LYS D 278 -7.87 -0.38 21.97
CA LYS D 278 -7.11 -1.57 21.64
C LYS D 278 -7.97 -2.58 20.87
N CYS D 279 -9.29 -2.44 20.95
CA CYS D 279 -10.20 -3.25 20.11
C CYS D 279 -10.22 -2.73 18.68
N TRP D 280 -9.75 -1.51 18.46
CA TRP D 280 -9.85 -0.92 17.13
C TRP D 280 -8.48 -0.78 16.44
N GLU D 281 -7.48 -1.53 16.88
CA GLU D 281 -6.21 -1.59 16.17
C GLU D 281 -6.48 -2.09 14.74
N PHE D 282 -5.96 -1.37 13.74
CA PHE D 282 -6.27 -1.67 12.35
C PHE D 282 -5.90 -3.09 11.97
N GLN D 283 -4.73 -3.55 12.43
CA GLN D 283 -4.31 -4.92 12.16
C GLN D 283 -4.96 -5.84 13.17
N PRO D 284 -5.67 -6.86 12.69
CA PRO D 284 -6.27 -7.85 13.60
C PRO D 284 -5.26 -8.31 14.67
N SER D 285 -4.04 -8.58 14.26
CA SER D 285 -3.01 -9.13 15.13
C SER D 285 -2.71 -8.26 16.34
N ASN D 286 -2.86 -6.95 16.18
CA ASN D 286 -2.55 -6.04 17.28
C ASN D 286 -3.74 -5.72 18.18
N ARG D 287 -4.93 -6.14 17.77
CA ARG D 287 -6.09 -5.98 18.63
C ARG D 287 -5.94 -6.79 19.89
N THR D 288 -6.56 -6.31 20.96
CA THR D 288 -6.60 -7.06 22.18
C THR D 288 -7.47 -8.30 21.97
N SER D 289 -7.64 -9.09 23.01
CA SER D 289 -8.47 -10.29 22.91
C SER D 289 -9.53 -10.23 23.98
N PHE D 290 -10.53 -11.10 23.87
CA PHE D 290 -11.59 -11.10 24.89
C PHE D 290 -11.01 -11.51 26.23
N GLN D 291 -10.09 -12.47 26.20
CA GLN D 291 -9.42 -12.90 27.42
C GLN D 291 -8.69 -11.72 28.05
N ASN D 292 -8.04 -10.92 27.21
CA ASN D 292 -7.30 -9.76 27.68
C ASN D 292 -8.19 -8.61 28.19
N LEU D 293 -9.31 -8.37 27.50
CA LEU D 293 -10.31 -7.36 27.92
C LEU D 293 -10.90 -7.67 29.31
N ILE D 294 -11.20 -8.94 29.56
CA ILE D 294 -11.74 -9.32 30.86
C ILE D 294 -10.73 -8.95 31.94
N GLU D 295 -9.47 -9.26 31.69
CA GLU D 295 -8.41 -8.91 32.63
C GLU D 295 -8.35 -7.41 32.88
N GLY D 296 -8.40 -6.61 31.81
CA GLY D 296 -8.34 -5.17 31.97
C GLY D 296 -9.53 -4.60 32.73
N PHE D 297 -10.72 -5.08 32.39
CA PHE D 297 -11.90 -4.67 33.12
C PHE D 297 -11.85 -5.15 34.57
N GLU D 298 -11.56 -6.43 34.79
CA GLU D 298 -11.52 -6.93 36.16
C GLU D 298 -10.60 -6.07 37.03
N ALA D 299 -9.55 -5.52 36.41
CA ALA D 299 -8.57 -4.75 37.16
C ALA D 299 -9.12 -3.39 37.54
N LEU D 300 -9.88 -2.78 36.64
CA LEU D 300 -10.49 -1.48 36.97
C LEU D 300 -11.54 -1.58 38.07
N LEU D 301 -12.02 -2.80 38.32
CA LEU D 301 -13.07 -3.05 39.32
C LEU D 301 -12.53 -3.46 40.68
N LYS D 302 -11.22 -3.71 40.77
CA LYS D 302 -10.60 -4.14 42.04
C LYS D 302 -10.86 -3.13 43.16
C1 JAK E . 14.06 9.01 -23.11
C2 JAK E . 14.48 10.38 -23.66
N3 JAK E . 14.23 10.76 -24.86
C4 JAK E . 14.72 12.00 -25.07
C5 JAK E . 14.70 12.83 -26.18
N6 JAK E . 15.27 14.00 -26.13
C7 JAK E . 15.86 14.48 -25.05
C8 JAK E . 15.93 13.70 -23.87
C9 JAK E . 15.34 12.40 -23.87
N10 JAK E . 15.16 11.35 -22.99
C11 JAK E . 15.61 11.19 -21.59
C12 JAK E . 17.14 11.32 -21.54
C13 JAK E . 17.63 11.01 -20.13
N14 JAK E . 16.98 11.92 -19.15
C15 JAK E . 15.53 11.87 -19.20
C16 JAK E . 15.01 12.20 -20.60
C17 JAK E . 16.64 14.53 -22.90
C18 JAK E . 16.97 15.69 -23.50
N19 JAK E . 16.50 15.68 -24.79
C1 EDO F . 11.45 8.84 -28.41
O1 EDO F . 10.36 8.01 -27.95
C2 EDO F . 11.77 9.88 -27.35
O2 EDO F . 11.95 9.23 -26.08
C1 EDO G . 26.30 -6.67 -31.31
O1 EDO G . 27.48 -6.64 -32.12
C2 EDO G . 26.38 -7.80 -30.31
O2 EDO G . 27.55 -7.62 -29.50
C1 EDO H . 12.74 30.51 -28.48
O1 EDO H . 12.27 29.84 -29.64
C2 EDO H . 12.26 31.96 -28.55
O2 EDO H . 11.93 32.38 -27.22
C1 EDO I . 5.77 21.66 -18.73
O1 EDO I . 6.79 21.67 -17.71
C2 EDO I . 5.14 23.05 -18.81
O2 EDO I . 3.73 22.88 -18.96
C1 EDO J . 28.65 1.11 -39.27
O1 EDO J . 28.86 2.51 -39.42
C2 EDO J . 27.77 0.60 -40.40
O2 EDO J . 27.69 -0.82 -40.31
C1 JAK K . 8.21 -9.64 24.58
C2 JAK K . 8.14 -11.04 25.15
N3 JAK K . 7.61 -11.34 26.31
C4 JAK K . 7.73 -12.67 26.50
C5 JAK K . 7.33 -13.50 27.55
N6 JAK K . 7.57 -14.78 27.53
C7 JAK K . 8.18 -15.38 26.51
C8 JAK K . 8.62 -14.63 25.39
C9 JAK K . 8.39 -13.24 25.39
N10 JAK K . 8.64 -12.17 24.54
C11 JAK K . 9.33 -12.15 23.23
C12 JAK K . 10.78 -12.63 23.38
C13 JAK K . 11.50 -12.45 22.02
N14 JAK K . 10.78 -13.20 21.00
C15 JAK K . 9.39 -12.76 20.84
C16 JAK K . 8.62 -12.97 22.14
C17 JAK K . 9.24 -15.59 24.49
C18 JAK K . 9.14 -16.81 25.07
N19 JAK K . 8.52 -16.70 26.28
C1 EDO L . -1.89 -19.69 17.59
O1 EDO L . -0.57 -19.90 18.10
C2 EDO L . -2.89 -20.03 18.68
O2 EDO L . -3.93 -20.82 18.11
C1 JAK M . -29.61 10.41 -25.91
C2 JAK M . -29.25 11.75 -26.49
N3 JAK M . -29.56 12.15 -27.69
C4 JAK M . -29.09 13.39 -27.89
C5 JAK M . -29.13 14.27 -28.98
N6 JAK M . -28.59 15.46 -28.91
C7 JAK M . -27.96 15.90 -27.83
C8 JAK M . -27.87 15.09 -26.68
C9 JAK M . -28.44 13.80 -26.70
N10 JAK M . -28.57 12.73 -25.84
C11 JAK M . -28.08 12.56 -24.45
C12 JAK M . -26.55 12.70 -24.40
C13 JAK M . -26.08 12.44 -22.97
N14 JAK M . -26.75 13.37 -22.02
C15 JAK M . -28.22 13.26 -22.07
C16 JAK M . -28.73 13.56 -23.49
C17 JAK M . -27.13 15.88 -25.70
C18 JAK M . -26.83 17.06 -26.28
N19 JAK M . -27.33 17.08 -27.55
C1 EDO N . -33.07 10.20 -30.71
O1 EDO N . -32.20 9.51 -31.61
C2 EDO N . -32.25 11.10 -29.80
O2 EDO N . -31.43 10.32 -28.91
C1 EDO O . -26.03 0.76 -1.81
O1 EDO O . -25.92 0.80 -3.24
C2 EDO O . -26.69 2.04 -1.30
O2 EDO O . -26.05 2.47 -0.07
C1 EDO P . -16.13 -5.82 -33.48
O1 EDO P . -17.16 -5.68 -32.50
C2 EDO P . -16.76 -6.01 -34.85
O2 EDO P . -17.08 -4.71 -35.40
C1 EDO Q . -15.94 10.41 -6.56
O1 EDO Q . -16.91 10.28 -7.63
C2 EDO Q . -14.99 9.23 -6.58
O2 EDO Q . -15.70 8.00 -6.38
C1 JAK R . -35.55 -5.81 21.86
C2 JAK R . -35.60 -7.19 22.48
N3 JAK R . -36.12 -7.45 23.64
C4 JAK R . -36.00 -8.76 23.92
C5 JAK R . -36.40 -9.54 25.01
N6 JAK R . -36.16 -10.84 25.02
C7 JAK R . -35.53 -11.47 24.01
C8 JAK R . -35.10 -10.75 22.88
C9 JAK R . -35.33 -9.36 22.81
N10 JAK R . -35.08 -8.32 21.92
C11 JAK R . -34.40 -8.32 20.62
C12 JAK R . -32.92 -8.70 20.80
C13 JAK R . -32.20 -8.64 19.46
N14 JAK R . -32.86 -9.51 18.49
C15 JAK R . -34.24 -9.09 18.28
C16 JAK R . -35.03 -9.27 19.59
C17 JAK R . -34.45 -11.74 22.00
C18 JAK R . -34.53 -12.93 22.62
N19 JAK R . -35.16 -12.78 23.83
C1 EDO S . -38.71 -5.79 25.12
O1 EDO S . -37.60 -5.22 24.43
C2 EDO S . -38.64 -5.43 26.60
O2 EDO S . -38.73 -4.01 26.73
C1 EDO T . -32.24 7.14 33.74
O1 EDO T . -32.78 7.59 32.48
C2 EDO T . -33.26 7.31 34.87
O2 EDO T . -33.27 6.12 35.68
#